data_1RTW
#
_entry.id   1RTW
#
_cell.length_a   101.8
_cell.length_b   123.65
_cell.length_c   77.47
_cell.angle_alpha   90.00
_cell.angle_beta   90.00
_cell.angle_gamma   90.00
#
_symmetry.space_group_name_H-M   'P 21 21 2'
#
loop_
_entity.id
_entity.type
_entity.pdbx_description
1 polymer 'transcriptional activator, putative'
2 non-polymer '(4-AMINO-2-METHYLPYRIMIDIN-5-YL)METHYL DIHYDROGEN PHOSPHATE'
3 non-polymer 'PHOSPHATE ION'
4 water water
#
_entity_poly.entity_id   1
_entity_poly.type   'polypeptide(L)'
_entity_poly.pdbx_seq_one_letter_code
;(MSE)FSEELIKENENIWRRFLPHKFLIE(MSE)AENTIKKENFEKWLVNDYYFVKNALRF(MSE)ALL(MSE)AKAPDD
LLPFFAESIYYISKELE(MSE)FEKKAQELGISLNGEIDWRAKSYVNYLLSVASLGSFLEGFTALYCEEKAYYEAWKWVR
ENLKERSPYQEFINHWSSQEFGEYVKRIEKILNSLAEKHGEFEKERAREVFKEVSKFELIFWDIAYGGEGNVLEHHHHHH
;
_entity_poly.pdbx_strand_id   A,B,C,D
#
loop_
_chem_comp.id
_chem_comp.type
_chem_comp.name
_chem_comp.formula
MP5 non-polymer '(4-AMINO-2-METHYLPYRIMIDIN-5-YL)METHYL DIHYDROGEN PHOSPHATE' 'C6 H10 N3 O4 P'
PO4 non-polymer 'PHOSPHATE ION' 'O4 P -3'
#
# COMPACT_ATOMS: atom_id res chain seq x y z
N MSE A 1 -10.79 20.38 21.00
CA MSE A 1 -9.67 19.40 21.10
C MSE A 1 -10.15 17.98 20.74
O MSE A 1 -10.90 17.36 21.48
CB MSE A 1 -9.09 19.43 22.50
CG MSE A 1 -7.89 18.54 22.67
SE MSE A 1 -6.73 19.23 24.02
CE MSE A 1 -5.79 20.54 22.93
N PHE A 2 -9.61 17.47 19.64
CA PHE A 2 -9.97 16.16 19.13
C PHE A 2 -9.86 15.00 20.09
N SER A 3 -8.72 14.91 20.78
CA SER A 3 -8.48 13.82 21.72
C SER A 3 -9.56 13.70 22.79
N GLU A 4 -9.88 14.82 23.43
CA GLU A 4 -10.90 14.86 24.48
C GLU A 4 -12.23 14.38 23.90
N GLU A 5 -12.56 14.81 22.69
CA GLU A 5 -13.79 14.42 22.03
C GLU A 5 -13.86 12.91 21.79
N LEU A 6 -12.75 12.33 21.30
CA LEU A 6 -12.68 10.89 21.04
C LEU A 6 -12.95 10.09 22.30
N ILE A 7 -12.27 10.48 23.38
CA ILE A 7 -12.40 9.80 24.66
C ILE A 7 -13.82 9.92 25.26
N LYS A 8 -14.47 11.06 25.02
CA LYS A 8 -15.81 11.30 25.56
C LYS A 8 -16.97 10.57 24.87
N GLU A 9 -16.79 10.19 23.61
CA GLU A 9 -17.81 9.51 22.84
C GLU A 9 -17.69 7.98 22.96
N ASN A 10 -16.56 7.53 23.50
CA ASN A 10 -16.31 6.10 23.66
C ASN A 10 -16.06 5.81 25.12
N GLU A 11 -16.37 6.79 25.95
CA GLU A 11 -16.19 6.71 27.39
C GLU A 11 -16.87 5.46 27.96
N ASN A 12 -18.05 5.11 27.46
CA ASN A 12 -18.71 3.92 27.99
C ASN A 12 -18.04 2.59 27.62
N ILE A 13 -17.29 2.57 26.52
CA ILE A 13 -16.55 1.36 26.14
C ILE A 13 -15.29 1.29 27.00
N TRP A 14 -14.61 2.41 27.13
CA TRP A 14 -13.39 2.49 27.94
C TRP A 14 -13.56 2.07 29.39
N ARG A 15 -14.70 2.41 29.99
CA ARG A 15 -14.91 2.05 31.39
C ARG A 15 -14.96 0.54 31.62
N ARG A 16 -15.25 -0.22 30.56
CA ARG A 16 -15.30 -1.68 30.69
C ARG A 16 -13.92 -2.30 30.83
N PHE A 17 -12.88 -1.56 30.46
CA PHE A 17 -11.52 -2.05 30.65
C PHE A 17 -10.75 -1.16 31.62
N LEU A 18 -11.49 -0.36 32.39
CA LEU A 18 -10.92 0.54 33.39
C LEU A 18 -11.72 0.41 34.69
N PRO A 19 -11.60 -0.73 35.37
CA PRO A 19 -10.78 -1.89 35.01
C PRO A 19 -11.54 -3.05 34.37
N HIS A 20 -10.81 -3.92 33.69
CA HIS A 20 -11.37 -5.12 33.09
C HIS A 20 -11.02 -6.23 34.11
N LYS A 21 -11.64 -7.39 33.98
CA LYS A 21 -11.37 -8.52 34.87
C LYS A 21 -9.87 -8.83 34.97
N PHE A 22 -9.18 -8.72 33.84
CA PHE A 22 -7.76 -9.01 33.78
C PHE A 22 -6.93 -8.06 34.62
N LEU A 23 -7.26 -6.78 34.56
CA LEU A 23 -6.56 -5.75 35.31
C LEU A 23 -6.80 -5.88 36.82
N ILE A 24 -8.00 -6.31 37.21
CA ILE A 24 -8.34 -6.50 38.61
C ILE A 24 -7.48 -7.61 39.20
N GLU A 25 -7.33 -8.70 38.44
CA GLU A 25 -6.54 -9.82 38.89
C GLU A 25 -5.06 -9.48 38.94
N MSE A 26 -4.62 -8.64 38.01
CA MSE A 26 -3.23 -8.19 37.98
C MSE A 26 -2.96 -7.36 39.24
O MSE A 26 -1.94 -7.56 39.91
CB MSE A 26 -2.97 -7.33 36.74
CG MSE A 26 -2.87 -8.09 35.42
SE MSE A 26 -1.30 -9.21 35.31
CE MSE A 26 -0.02 -7.96 36.04
N ALA A 27 -3.87 -6.46 39.55
CA ALA A 27 -3.75 -5.58 40.71
C ALA A 27 -3.81 -6.29 42.07
N GLU A 28 -4.64 -7.32 42.15
CA GLU A 28 -4.81 -8.07 43.40
C GLU A 28 -3.91 -9.29 43.48
N ASN A 29 -3.07 -9.49 42.47
CA ASN A 29 -2.15 -10.64 42.41
C ASN A 29 -2.83 -11.99 42.47
N THR A 30 -4.10 -12.01 42.07
CA THR A 30 -4.89 -13.23 42.04
C THR A 30 -4.82 -13.84 40.64
N ILE A 31 -4.15 -13.17 39.71
CA ILE A 31 -4.08 -13.68 38.35
C ILE A 31 -3.33 -14.99 38.19
N LYS A 32 -4.03 -15.92 37.55
CA LYS A 32 -3.50 -17.24 37.29
C LYS A 32 -2.49 -17.24 36.16
N LYS A 33 -1.49 -18.07 36.35
CA LYS A 33 -0.38 -18.22 35.44
C LYS A 33 -0.77 -18.63 34.02
N GLU A 34 -1.87 -19.36 33.88
CA GLU A 34 -2.33 -19.79 32.56
C GLU A 34 -2.87 -18.59 31.80
N ASN A 35 -3.60 -17.72 32.50
CA ASN A 35 -4.19 -16.53 31.90
C ASN A 35 -3.17 -15.46 31.55
N PHE A 36 -2.07 -15.38 32.31
CA PHE A 36 -1.05 -14.38 32.01
C PHE A 36 -0.28 -14.80 30.78
N GLU A 37 0.01 -16.10 30.72
CA GLU A 37 0.75 -16.71 29.64
C GLU A 37 0.06 -16.53 28.30
N LYS A 38 -1.27 -16.65 28.31
CA LYS A 38 -2.00 -16.51 27.08
C LYS A 38 -2.00 -15.06 26.64
N TRP A 39 -2.16 -14.14 27.60
CA TRP A 39 -2.16 -12.73 27.27
C TRP A 39 -0.81 -12.32 26.70
N LEU A 40 0.26 -12.87 27.28
CA LEU A 40 1.61 -12.58 26.87
C LEU A 40 1.91 -13.02 25.44
N VAL A 41 1.54 -14.25 25.11
CA VAL A 41 1.74 -14.77 23.77
C VAL A 41 0.94 -13.96 22.74
N ASN A 42 -0.31 -13.67 23.07
CA ASN A 42 -1.15 -12.92 22.16
C ASN A 42 -0.79 -11.44 21.99
N ASP A 43 -0.32 -10.82 23.06
CA ASP A 43 0.07 -9.42 22.99
C ASP A 43 1.41 -9.26 22.30
N TYR A 44 2.28 -10.26 22.44
CA TYR A 44 3.58 -10.24 21.78
C TYR A 44 3.35 -10.14 20.28
N TYR A 45 2.40 -10.95 19.79
CA TYR A 45 2.04 -10.96 18.39
C TYR A 45 1.49 -9.58 18.03
N PHE A 46 0.68 -9.00 18.92
CA PHE A 46 0.13 -7.69 18.64
C PHE A 46 1.23 -6.65 18.53
N VAL A 47 2.21 -6.70 19.45
CA VAL A 47 3.31 -5.75 19.44
C VAL A 47 4.15 -5.81 18.17
N LYS A 48 4.38 -7.02 17.64
CA LYS A 48 5.15 -7.15 16.41
C LYS A 48 4.44 -6.46 15.27
N ASN A 49 3.15 -6.71 15.17
CA ASN A 49 2.36 -6.12 14.11
C ASN A 49 2.09 -4.62 14.30
N ALA A 50 2.00 -4.18 15.56
CA ALA A 50 1.79 -2.77 15.84
C ALA A 50 2.99 -2.01 15.24
N LEU A 51 4.14 -2.68 15.22
CA LEU A 51 5.37 -2.13 14.67
C LEU A 51 5.25 -1.96 13.15
N ARG A 52 4.57 -2.90 12.48
CA ARG A 52 4.39 -2.82 11.04
C ARG A 52 3.37 -1.73 10.77
N PHE A 53 2.39 -1.62 11.67
CA PHE A 53 1.35 -0.62 11.61
C PHE A 53 1.98 0.78 11.68
N MSE A 54 2.91 0.95 12.61
CA MSE A 54 3.59 2.22 12.80
C MSE A 54 4.47 2.57 11.63
O MSE A 54 4.60 3.75 11.27
CB MSE A 54 4.42 2.17 14.09
CG MSE A 54 3.59 2.20 15.34
SE MSE A 54 4.70 1.82 16.88
CE MSE A 54 5.47 3.57 17.12
N ALA A 55 5.10 1.57 11.03
CA ALA A 55 5.97 1.81 9.87
C ALA A 55 5.13 2.23 8.68
N LEU A 56 3.95 1.65 8.53
CA LEU A 56 3.06 2.02 7.43
C LEU A 56 2.65 3.48 7.58
N LEU A 57 2.40 3.90 8.82
CA LEU A 57 2.01 5.27 9.09
C LEU A 57 3.18 6.21 8.77
N MSE A 58 4.39 5.78 9.13
CA MSE A 58 5.59 6.57 8.88
C MSE A 58 5.76 6.86 7.39
O MSE A 58 6.13 7.96 7.00
CB MSE A 58 6.81 5.85 9.42
CG MSE A 58 8.11 6.52 9.03
SE MSE A 58 9.63 5.75 9.90
CE MSE A 58 10.88 7.20 9.62
N ALA A 59 5.46 5.86 6.57
CA ALA A 59 5.57 5.98 5.13
C ALA A 59 4.67 7.08 4.57
N LYS A 60 3.55 7.33 5.25
CA LYS A 60 2.60 8.35 4.82
C LYS A 60 2.69 9.65 5.62
N ALA A 61 3.54 9.66 6.63
CA ALA A 61 3.71 10.81 7.51
C ALA A 61 4.33 12.05 6.91
N PRO A 62 3.92 13.23 7.41
CA PRO A 62 4.44 14.52 6.95
C PRO A 62 5.92 14.55 7.32
N ASP A 63 6.73 15.31 6.57
CA ASP A 63 8.18 15.38 6.85
C ASP A 63 8.52 15.64 8.32
N ASP A 64 7.83 16.60 8.94
CA ASP A 64 8.12 16.97 10.33
C ASP A 64 7.76 15.93 11.39
N LEU A 65 7.26 14.77 10.95
CA LEU A 65 6.88 13.69 11.84
C LEU A 65 7.80 12.48 11.70
N LEU A 66 8.69 12.52 10.71
CA LEU A 66 9.63 11.41 10.49
C LEU A 66 10.53 11.12 11.70
N PRO A 67 11.08 12.17 12.34
CA PRO A 67 11.93 11.96 13.52
C PRO A 67 11.12 11.22 14.58
N PHE A 68 9.95 11.75 14.89
CA PHE A 68 9.05 11.14 15.86
C PHE A 68 8.81 9.64 15.57
N PHE A 69 8.44 9.30 14.33
CA PHE A 69 8.21 7.90 13.98
C PHE A 69 9.46 7.04 14.13
N ALA A 70 10.61 7.54 13.69
CA ALA A 70 11.84 6.78 13.79
C ALA A 70 12.14 6.47 15.27
N GLU A 71 12.01 7.49 16.11
CA GLU A 71 12.23 7.33 17.55
C GLU A 71 11.18 6.40 18.18
N SER A 72 9.92 6.66 17.90
CA SER A 72 8.84 5.85 18.44
C SER A 72 8.93 4.36 18.05
N ILE A 73 9.20 4.09 16.78
CA ILE A 73 9.33 2.69 16.34
C ILE A 73 10.50 2.03 17.08
N TYR A 74 11.57 2.78 17.31
CA TYR A 74 12.72 2.26 18.02
C TYR A 74 12.34 2.02 19.48
N TYR A 75 11.65 3.00 20.06
CA TYR A 75 11.20 2.92 21.43
C TYR A 75 10.26 1.74 21.64
N ILE A 76 9.22 1.62 20.81
CA ILE A 76 8.25 0.53 20.89
C ILE A 76 8.91 -0.82 20.60
N SER A 77 9.90 -0.86 19.72
CA SER A 77 10.57 -2.12 19.38
C SER A 77 11.24 -2.77 20.59
N LYS A 78 11.60 -1.95 21.58
CA LYS A 78 12.21 -2.45 22.81
C LYS A 78 11.27 -3.39 23.56
N GLU A 79 9.96 -3.21 23.37
CA GLU A 79 8.96 -4.06 24.01
C GLU A 79 9.15 -5.53 23.63
N LEU A 80 9.66 -5.77 22.43
CA LEU A 80 9.88 -7.14 21.96
C LEU A 80 10.86 -7.83 22.88
N GLU A 81 11.89 -7.09 23.31
CA GLU A 81 12.91 -7.63 24.19
C GLU A 81 12.27 -7.93 25.54
N MSE A 82 11.41 -7.02 25.99
CA MSE A 82 10.72 -7.18 27.27
C MSE A 82 9.93 -8.50 27.28
O MSE A 82 10.11 -9.32 28.18
CB MSE A 82 9.79 -5.99 27.51
CG MSE A 82 9.09 -6.00 28.86
SE MSE A 82 8.03 -4.42 29.21
CE MSE A 82 6.75 -4.57 27.79
N PHE A 83 9.10 -8.72 26.26
CA PHE A 83 8.32 -9.94 26.16
C PHE A 83 9.22 -11.18 26.06
N GLU A 84 10.24 -11.10 25.22
CA GLU A 84 11.17 -12.21 24.99
C GLU A 84 11.95 -12.69 26.21
N LYS A 85 12.33 -11.75 27.09
CA LYS A 85 13.07 -12.13 28.28
C LYS A 85 12.12 -12.74 29.29
N LYS A 86 10.93 -12.15 29.43
CA LYS A 86 9.96 -12.68 30.37
C LYS A 86 9.62 -14.11 29.96
N ALA A 87 9.46 -14.32 28.65
CA ALA A 87 9.16 -15.65 28.13
C ALA A 87 10.34 -16.60 28.37
N GLN A 88 11.56 -16.05 28.38
CA GLN A 88 12.74 -16.88 28.63
C GLN A 88 12.66 -17.39 30.06
N GLU A 89 12.41 -16.46 30.98
CA GLU A 89 12.31 -16.73 32.40
C GLU A 89 11.21 -17.70 32.81
N LEU A 90 10.04 -17.58 32.18
CA LEU A 90 8.87 -18.43 32.46
C LEU A 90 8.95 -19.79 31.77
N GLY A 91 9.95 -19.96 30.92
CA GLY A 91 10.07 -21.20 30.18
C GLY A 91 8.88 -21.37 29.27
N ILE A 92 8.38 -20.24 28.76
CA ILE A 92 7.23 -20.23 27.86
C ILE A 92 7.61 -19.94 26.41
N SER A 93 6.89 -20.58 25.50
CA SER A 93 7.11 -20.40 24.06
C SER A 93 6.21 -19.31 23.49
N LEU A 94 6.80 -18.43 22.71
CA LEU A 94 6.06 -17.34 22.08
C LEU A 94 5.52 -17.71 20.70
N ASN A 95 6.08 -18.77 20.11
CA ASN A 95 5.71 -19.26 18.79
C ASN A 95 4.44 -20.10 18.74
N GLY A 96 3.53 -19.87 19.67
CA GLY A 96 2.31 -20.65 19.69
C GLY A 96 1.15 -20.17 18.85
N GLU A 97 0.01 -20.76 19.14
CA GLU A 97 -1.25 -20.46 18.48
C GLU A 97 -1.73 -19.12 19.00
N ILE A 98 -2.13 -18.26 18.07
CA ILE A 98 -2.61 -16.94 18.42
C ILE A 98 -4.12 -16.89 18.24
N ASP A 99 -4.81 -16.29 19.20
CA ASP A 99 -6.27 -16.18 19.17
C ASP A 99 -6.73 -15.41 17.92
N TRP A 100 -7.92 -15.70 17.42
CA TRP A 100 -8.40 -15.03 16.22
C TRP A 100 -8.71 -13.55 16.46
N ARG A 101 -9.29 -13.23 17.61
CA ARG A 101 -9.60 -11.84 17.92
C ARG A 101 -8.35 -10.95 17.85
N ALA A 102 -7.18 -11.55 18.08
CA ALA A 102 -5.92 -10.83 18.02
C ALA A 102 -5.50 -10.55 16.58
N LYS A 103 -5.54 -11.59 15.75
CA LYS A 103 -5.18 -11.49 14.35
C LYS A 103 -6.11 -10.49 13.69
N SER A 104 -7.35 -10.46 14.18
CA SER A 104 -8.37 -9.58 13.66
C SER A 104 -8.13 -8.12 13.98
N TYR A 105 -7.66 -7.88 15.20
CA TYR A 105 -7.36 -6.54 15.65
C TYR A 105 -6.15 -6.09 14.82
N VAL A 106 -5.19 -6.99 14.68
CA VAL A 106 -3.98 -6.72 13.92
C VAL A 106 -4.28 -6.37 12.47
N ASN A 107 -5.09 -7.22 11.82
CA ASN A 107 -5.43 -7.00 10.42
C ASN A 107 -6.28 -5.73 10.23
N TYR A 108 -7.10 -5.39 11.22
CA TYR A 108 -7.88 -4.16 11.12
C TYR A 108 -6.88 -3.00 11.09
N LEU A 109 -5.92 -3.02 12.01
CA LEU A 109 -4.92 -1.96 12.07
C LEU A 109 -4.13 -1.82 10.79
N LEU A 110 -3.68 -2.95 10.25
CA LEU A 110 -2.93 -2.92 9.01
C LEU A 110 -3.74 -2.33 7.85
N SER A 111 -5.03 -2.67 7.79
CA SER A 111 -5.90 -2.15 6.75
C SER A 111 -6.08 -0.65 6.86
N VAL A 112 -6.23 -0.16 8.09
CA VAL A 112 -6.39 1.27 8.32
C VAL A 112 -5.14 2.04 7.86
N ALA A 113 -3.96 1.53 8.18
CA ALA A 113 -2.75 2.22 7.76
C ALA A 113 -2.55 2.14 6.26
N SER A 114 -2.88 0.97 5.70
CA SER A 114 -2.74 0.75 4.26
C SER A 114 -3.69 1.58 3.42
N LEU A 115 -4.98 1.42 3.70
CA LEU A 115 -6.03 2.09 2.95
C LEU A 115 -6.63 3.38 3.48
N GLY A 116 -6.56 3.61 4.79
CA GLY A 116 -7.12 4.81 5.38
C GLY A 116 -6.25 6.05 5.22
N SER A 117 -6.77 7.19 5.66
CA SER A 117 -6.04 8.44 5.58
C SER A 117 -5.01 8.47 6.68
N PHE A 118 -4.11 9.45 6.66
CA PHE A 118 -3.12 9.53 7.72
C PHE A 118 -3.77 9.83 9.10
N LEU A 119 -4.83 10.65 9.12
CA LEU A 119 -5.51 10.99 10.37
C LEU A 119 -6.16 9.76 10.99
N GLU A 120 -6.85 8.97 10.17
CA GLU A 120 -7.49 7.76 10.66
C GLU A 120 -6.44 6.86 11.30
N GLY A 121 -5.32 6.70 10.62
CA GLY A 121 -4.24 5.87 11.11
C GLY A 121 -3.57 6.39 12.35
N PHE A 122 -3.35 7.70 12.44
CA PHE A 122 -2.70 8.27 13.61
C PHE A 122 -3.71 8.28 14.79
N THR A 123 -4.99 8.38 14.48
CA THR A 123 -6.05 8.35 15.50
C THR A 123 -6.06 6.93 16.09
N ALA A 124 -5.73 5.93 15.26
CA ALA A 124 -5.69 4.54 15.73
C ALA A 124 -4.50 4.35 16.67
N LEU A 125 -3.37 4.96 16.32
CA LEU A 125 -2.16 4.88 17.13
C LEU A 125 -2.40 5.47 18.51
N TYR A 126 -3.03 6.64 18.53
CA TYR A 126 -3.33 7.31 19.77
C TYR A 126 -4.24 6.48 20.66
N CYS A 127 -5.32 5.96 20.07
CA CYS A 127 -6.28 5.13 20.81
C CYS A 127 -5.61 3.92 21.46
N GLU A 128 -4.91 3.14 20.67
CA GLU A 128 -4.23 1.95 21.16
C GLU A 128 -3.20 2.22 22.25
N GLU A 129 -2.42 3.31 22.10
CA GLU A 129 -1.39 3.65 23.08
C GLU A 129 -1.99 4.21 24.35
N LYS A 130 -2.90 5.16 24.18
CA LYS A 130 -3.62 5.79 25.27
C LYS A 130 -4.43 4.76 26.07
N ALA A 131 -4.94 3.74 25.38
CA ALA A 131 -5.73 2.71 26.07
C ALA A 131 -4.87 1.88 27.01
N TYR A 132 -3.63 1.59 26.61
CA TYR A 132 -2.76 0.81 27.47
C TYR A 132 -2.23 1.66 28.62
N TYR A 133 -1.99 2.92 28.33
CA TYR A 133 -1.50 3.85 29.33
C TYR A 133 -2.48 3.93 30.50
N GLU A 134 -3.78 4.04 30.20
CA GLU A 134 -4.81 4.12 31.23
C GLU A 134 -5.06 2.78 31.89
N ALA A 135 -5.00 1.72 31.09
CA ALA A 135 -5.22 0.38 31.63
C ALA A 135 -4.14 0.04 32.64
N TRP A 136 -2.89 0.21 32.24
CA TRP A 136 -1.79 -0.13 33.13
C TRP A 136 -1.61 0.83 34.28
N LYS A 137 -2.01 2.08 34.06
CA LYS A 137 -1.94 3.11 35.09
C LYS A 137 -2.98 2.76 36.15
N TRP A 138 -4.09 2.15 35.73
CA TRP A 138 -5.13 1.74 36.67
C TRP A 138 -4.61 0.64 37.57
N VAL A 139 -3.95 -0.34 36.95
CA VAL A 139 -3.39 -1.47 37.67
C VAL A 139 -2.41 -0.96 38.68
N ARG A 140 -1.64 0.03 38.27
CA ARG A 140 -0.66 0.56 39.17
C ARG A 140 -1.26 1.32 40.34
N GLU A 141 -2.28 2.12 40.08
CA GLU A 141 -2.92 2.88 41.14
C GLU A 141 -3.71 1.98 42.10
N ASN A 142 -3.92 0.72 41.71
CA ASN A 142 -4.68 -0.21 42.54
C ASN A 142 -3.93 -1.43 43.05
N LEU A 143 -2.62 -1.46 42.84
CA LEU A 143 -1.78 -2.59 43.28
C LEU A 143 -1.78 -2.76 44.80
N LYS A 144 -1.97 -4.01 45.26
CA LYS A 144 -1.94 -4.30 46.68
C LYS A 144 -0.48 -4.51 47.07
N GLU A 145 0.16 -5.45 46.40
CA GLU A 145 1.56 -5.74 46.67
C GLU A 145 2.36 -5.74 45.38
N ARG A 146 3.68 -5.73 45.49
CA ARG A 146 4.56 -5.76 44.33
C ARG A 146 4.26 -7.03 43.53
N SER A 147 4.00 -6.83 42.24
CA SER A 147 3.67 -7.92 41.33
C SER A 147 4.87 -8.59 40.65
N PRO A 148 4.74 -9.88 40.32
CA PRO A 148 5.79 -10.67 39.66
C PRO A 148 5.92 -10.18 38.21
N TYR A 149 4.91 -9.41 37.77
CA TYR A 149 4.88 -8.85 36.42
C TYR A 149 5.04 -7.33 36.50
N GLN A 150 5.45 -6.85 37.67
CA GLN A 150 5.66 -5.42 37.94
C GLN A 150 6.30 -4.64 36.81
N GLU A 151 7.14 -5.32 36.04
CA GLU A 151 7.84 -4.72 34.93
C GLU A 151 6.94 -4.27 33.80
N PHE A 152 5.92 -5.07 33.49
CA PHE A 152 4.97 -4.71 32.45
C PHE A 152 4.13 -3.54 32.94
N ILE A 153 3.63 -3.66 34.17
CA ILE A 153 2.81 -2.63 34.79
C ILE A 153 3.55 -1.29 34.76
N ASN A 154 4.85 -1.34 34.98
CA ASN A 154 5.62 -0.11 35.02
C ASN A 154 5.94 0.51 33.66
N HIS A 155 6.27 -0.31 32.67
CA HIS A 155 6.58 0.21 31.36
C HIS A 155 5.42 1.01 30.79
N TRP A 156 4.21 0.42 30.83
CA TRP A 156 3.03 1.12 30.29
C TRP A 156 2.41 2.19 31.17
N SER A 157 2.81 2.24 32.44
CA SER A 157 2.30 3.25 33.36
C SER A 157 3.40 4.28 33.64
N SER A 158 4.57 4.07 33.05
CA SER A 158 5.72 4.94 33.26
C SER A 158 5.53 6.36 32.76
N GLN A 159 6.32 7.25 33.34
CA GLN A 159 6.29 8.66 32.98
C GLN A 159 6.72 8.76 31.53
N GLU A 160 7.69 7.94 31.17
CA GLU A 160 8.22 7.90 29.81
C GLU A 160 7.14 7.52 28.79
N PHE A 161 6.35 6.50 29.10
CA PHE A 161 5.30 6.08 28.19
C PHE A 161 4.19 7.15 28.15
N GLY A 162 3.93 7.75 29.31
CA GLY A 162 2.93 8.81 29.40
C GLY A 162 3.35 10.01 28.57
N GLU A 163 4.64 10.30 28.54
CA GLU A 163 5.14 11.44 27.76
C GLU A 163 4.99 11.10 26.29
N TYR A 164 5.20 9.83 25.97
CA TYR A 164 5.08 9.32 24.60
C TYR A 164 3.62 9.45 24.17
N VAL A 165 2.69 9.12 25.05
CA VAL A 165 1.28 9.25 24.71
C VAL A 165 0.91 10.71 24.50
N LYS A 166 1.38 11.57 25.41
CA LYS A 166 1.11 13.00 25.36
C LYS A 166 1.65 13.59 24.04
N ARG A 167 2.82 13.12 23.61
CA ARG A 167 3.41 13.59 22.37
C ARG A 167 2.52 13.22 21.19
N ILE A 168 2.00 11.99 21.20
CA ILE A 168 1.08 11.52 20.15
C ILE A 168 -0.20 12.36 20.14
N GLU A 169 -0.72 12.61 21.32
CA GLU A 169 -1.95 13.35 21.52
C GLU A 169 -1.88 14.78 20.99
N LYS A 170 -0.73 15.38 21.17
CA LYS A 170 -0.49 16.74 20.74
C LYS A 170 -0.44 16.79 19.21
N ILE A 171 0.28 15.84 18.61
CA ILE A 171 0.37 15.74 17.15
C ILE A 171 -1.03 15.50 16.57
N LEU A 172 -1.79 14.61 17.21
CA LEU A 172 -3.14 14.29 16.77
C LEU A 172 -4.06 15.51 16.80
N ASN A 173 -3.96 16.30 17.86
CA ASN A 173 -4.79 17.47 17.99
C ASN A 173 -4.51 18.52 16.94
N SER A 174 -3.25 18.69 16.57
CA SER A 174 -2.87 19.66 15.56
C SER A 174 -3.37 19.18 14.20
N LEU A 175 -3.22 17.89 13.96
CA LEU A 175 -3.64 17.32 12.68
C LEU A 175 -5.13 17.49 12.47
N ALA A 176 -5.89 17.13 13.50
CA ALA A 176 -7.33 17.22 13.43
C ALA A 176 -7.80 18.65 13.14
N GLU A 177 -7.06 19.63 13.66
CA GLU A 177 -7.41 21.03 13.48
C GLU A 177 -7.48 21.48 12.03
N LYS A 178 -6.57 21.00 11.20
CA LYS A 178 -6.56 21.40 9.80
C LYS A 178 -7.38 20.51 8.89
N HIS A 179 -8.13 19.59 9.49
CA HIS A 179 -8.98 18.68 8.74
C HIS A 179 -10.45 19.04 8.89
N GLY A 180 -11.18 18.93 7.78
CA GLY A 180 -12.59 19.27 7.78
C GLY A 180 -13.44 18.15 8.33
N GLU A 181 -14.53 18.52 9.00
CA GLU A 181 -15.49 17.60 9.64
C GLU A 181 -15.73 16.20 9.05
N PHE A 182 -15.51 16.02 7.74
CA PHE A 182 -15.72 14.70 7.12
C PHE A 182 -14.64 13.70 7.51
N GLU A 183 -13.37 13.97 7.19
CA GLU A 183 -12.33 13.01 7.56
C GLU A 183 -12.13 12.88 9.06
N LYS A 184 -12.68 13.83 9.81
CA LYS A 184 -12.62 13.80 11.27
C LYS A 184 -13.54 12.67 11.75
N GLU A 185 -14.79 12.71 11.31
CA GLU A 185 -15.78 11.70 11.67
C GLU A 185 -15.31 10.31 11.22
N ARG A 186 -14.59 10.25 10.10
CA ARG A 186 -14.03 8.99 9.60
C ARG A 186 -13.07 8.46 10.68
N ALA A 187 -12.22 9.35 11.20
CA ALA A 187 -11.26 9.02 12.25
C ALA A 187 -11.99 8.68 13.57
N ARG A 188 -13.08 9.40 13.85
CA ARG A 188 -13.85 9.16 15.05
C ARG A 188 -14.32 7.71 15.05
N GLU A 189 -14.74 7.24 13.87
CA GLU A 189 -15.21 5.87 13.71
C GLU A 189 -14.10 4.87 14.00
N VAL A 190 -12.90 5.16 13.49
CA VAL A 190 -11.75 4.28 13.72
C VAL A 190 -11.46 4.19 15.22
N PHE A 191 -11.52 5.32 15.91
CA PHE A 191 -11.25 5.36 17.34
C PHE A 191 -12.23 4.45 18.05
N LYS A 192 -13.49 4.53 17.64
CA LYS A 192 -14.54 3.71 18.22
C LYS A 192 -14.20 2.26 18.00
N GLU A 193 -13.79 1.93 16.78
CA GLU A 193 -13.45 0.56 16.46
C GLU A 193 -12.26 0.01 17.24
N VAL A 194 -11.16 0.78 17.33
CA VAL A 194 -9.98 0.32 18.09
C VAL A 194 -10.33 0.18 19.56
N SER A 195 -11.20 1.08 20.06
CA SER A 195 -11.64 1.04 21.44
C SER A 195 -12.23 -0.32 21.71
N LYS A 196 -13.15 -0.75 20.84
CA LYS A 196 -13.81 -2.05 20.96
C LYS A 196 -12.82 -3.20 20.91
N PHE A 197 -11.77 -3.03 20.10
CA PHE A 197 -10.75 -4.05 19.96
C PHE A 197 -9.90 -4.16 21.23
N GLU A 198 -9.65 -3.02 21.85
CA GLU A 198 -8.88 -2.96 23.10
C GLU A 198 -9.66 -3.71 24.19
N LEU A 199 -10.96 -3.47 24.24
CA LEU A 199 -11.82 -4.11 25.21
C LEU A 199 -11.88 -5.64 25.03
N ILE A 200 -12.01 -6.10 23.78
CA ILE A 200 -12.08 -7.54 23.50
C ILE A 200 -10.77 -8.28 23.75
N PHE A 201 -9.65 -7.60 23.51
CA PHE A 201 -8.33 -8.22 23.68
C PHE A 201 -8.10 -8.77 25.09
N TRP A 202 -8.56 -8.04 26.11
CA TRP A 202 -8.41 -8.48 27.50
C TRP A 202 -9.07 -9.84 27.77
N ASP A 203 -10.14 -10.18 27.03
CA ASP A 203 -10.83 -11.46 27.22
C ASP A 203 -10.00 -12.63 26.71
N ILE A 204 -9.10 -12.37 25.78
CA ILE A 204 -8.28 -13.44 25.21
C ILE A 204 -7.63 -14.31 26.28
N ALA A 205 -7.09 -13.67 27.30
CA ALA A 205 -6.44 -14.35 28.41
C ALA A 205 -7.24 -15.51 29.00
N TYR A 206 -8.56 -15.45 28.89
CA TYR A 206 -9.44 -16.48 29.44
C TYR A 206 -10.07 -17.38 28.37
N MSE B 1 26.60 -16.13 -4.51
CA MSE B 1 26.42 -14.93 -3.64
C MSE B 1 25.80 -13.81 -4.43
O MSE B 1 26.48 -13.06 -5.13
CB MSE B 1 27.78 -14.49 -3.07
CG MSE B 1 27.67 -13.32 -2.13
SE MSE B 1 29.04 -13.37 -0.79
CE MSE B 1 28.14 -14.51 0.49
N PHE B 2 24.47 -13.72 -4.31
CA PHE B 2 23.65 -12.72 -5.01
C PHE B 2 24.22 -11.31 -5.01
N SER B 3 24.65 -10.83 -3.85
CA SER B 3 25.21 -9.48 -3.71
C SER B 3 26.37 -9.22 -4.65
N GLU B 4 27.34 -10.14 -4.67
CA GLU B 4 28.49 -10.00 -5.53
C GLU B 4 28.08 -10.14 -6.99
N GLU B 5 27.06 -10.96 -7.24
CA GLU B 5 26.55 -11.13 -8.59
C GLU B 5 25.99 -9.81 -9.09
N LEU B 6 25.13 -9.20 -8.26
CA LEU B 6 24.50 -7.93 -8.58
C LEU B 6 25.53 -6.88 -8.96
N ILE B 7 26.57 -6.76 -8.14
CA ILE B 7 27.64 -5.80 -8.36
C ILE B 7 28.45 -6.06 -9.63
N LYS B 8 28.74 -7.33 -9.90
CA LYS B 8 29.51 -7.73 -11.06
C LYS B 8 28.85 -7.36 -12.40
N GLU B 9 27.55 -7.57 -12.49
CA GLU B 9 26.81 -7.31 -13.72
C GLU B 9 26.42 -5.84 -13.95
N ASN B 10 26.74 -4.97 -12.98
CA ASN B 10 26.47 -3.53 -13.08
C ASN B 10 27.75 -2.74 -12.81
N GLU B 11 28.88 -3.43 -12.80
CA GLU B 11 30.16 -2.77 -12.53
C GLU B 11 30.45 -1.66 -13.53
N ASN B 12 29.86 -1.74 -14.70
CA ASN B 12 30.06 -0.72 -15.72
C ASN B 12 29.40 0.60 -15.30
N ILE B 13 28.19 0.50 -14.74
CA ILE B 13 27.47 1.68 -14.27
C ILE B 13 28.13 2.25 -13.01
N TRP B 14 28.49 1.37 -12.08
CA TRP B 14 29.13 1.81 -10.84
C TRP B 14 30.47 2.49 -11.09
N ARG B 15 31.20 2.02 -12.09
CA ARG B 15 32.50 2.60 -12.44
C ARG B 15 32.32 4.08 -12.78
N ARG B 16 31.17 4.41 -13.37
CA ARG B 16 30.87 5.79 -13.73
C ARG B 16 30.75 6.71 -12.50
N PHE B 17 30.44 6.15 -11.33
CA PHE B 17 30.40 6.99 -10.12
C PHE B 17 31.50 6.69 -9.10
N LEU B 18 32.46 5.87 -9.52
CA LEU B 18 33.59 5.51 -8.69
C LEU B 18 34.89 5.81 -9.43
N PRO B 19 35.25 7.11 -9.54
CA PRO B 19 34.52 8.27 -9.02
C PRO B 19 33.72 9.05 -10.07
N HIS B 20 32.77 9.83 -9.57
CA HIS B 20 31.98 10.69 -10.44
C HIS B 20 32.60 12.07 -10.26
N LYS B 21 32.37 12.95 -11.23
CA LYS B 21 32.90 14.31 -11.21
C LYS B 21 32.77 14.93 -9.82
N PHE B 22 31.59 14.78 -9.22
CA PHE B 22 31.31 15.33 -7.91
C PHE B 22 32.26 14.81 -6.83
N LEU B 23 32.61 13.53 -6.90
CA LEU B 23 33.49 12.91 -5.93
C LEU B 23 34.94 13.36 -6.08
N ILE B 24 35.36 13.61 -7.32
CA ILE B 24 36.72 14.08 -7.60
C ILE B 24 36.89 15.47 -6.99
N GLU B 25 35.86 16.28 -7.11
CA GLU B 25 35.92 17.64 -6.59
C GLU B 25 35.86 17.68 -5.08
N MSE B 26 35.13 16.74 -4.49
CA MSE B 26 35.05 16.64 -3.03
C MSE B 26 36.44 16.27 -2.52
O MSE B 26 36.93 16.85 -1.55
CB MSE B 26 34.05 15.56 -2.62
CG MSE B 26 32.58 15.91 -2.77
SE MSE B 26 31.89 17.10 -1.40
CE MSE B 26 32.74 16.31 0.13
N ALA B 27 37.06 15.32 -3.21
CA ALA B 27 38.39 14.80 -2.85
C ALA B 27 39.53 15.79 -3.04
N GLU B 28 39.43 16.63 -4.07
CA GLU B 28 40.47 17.62 -4.35
C GLU B 28 40.08 19.00 -3.81
N ASN B 29 38.91 19.09 -3.20
CA ASN B 29 38.38 20.33 -2.63
C ASN B 29 38.12 21.43 -3.65
N THR B 30 38.01 21.03 -4.92
CA THR B 30 37.75 21.94 -6.02
C THR B 30 36.25 22.19 -6.13
N ILE B 31 35.48 21.55 -5.27
CA ILE B 31 34.02 21.67 -5.27
C ILE B 31 33.53 23.06 -4.92
N LYS B 32 32.76 23.63 -5.83
CA LYS B 32 32.19 24.95 -5.67
C LYS B 32 31.02 24.92 -4.70
N LYS B 33 30.91 25.98 -3.91
CA LYS B 33 29.84 26.09 -2.92
C LYS B 33 28.45 25.77 -3.47
N GLU B 34 28.13 26.38 -4.61
CA GLU B 34 26.83 26.22 -5.28
C GLU B 34 26.49 24.77 -5.63
N ASN B 35 27.50 24.02 -6.03
CA ASN B 35 27.31 22.62 -6.40
C ASN B 35 27.00 21.75 -5.19
N PHE B 36 27.68 22.04 -4.08
CA PHE B 36 27.44 21.29 -2.85
C PHE B 36 26.06 21.62 -2.30
N GLU B 37 25.66 22.88 -2.37
CA GLU B 37 24.36 23.29 -1.86
C GLU B 37 23.23 22.59 -2.60
N LYS B 38 23.33 22.53 -3.92
CA LYS B 38 22.31 21.87 -4.73
C LYS B 38 22.24 20.38 -4.39
N TRP B 39 23.39 19.75 -4.19
CA TRP B 39 23.41 18.34 -3.82
C TRP B 39 22.75 18.14 -2.46
N LEU B 40 23.06 19.04 -1.53
CA LEU B 40 22.54 18.98 -0.18
C LEU B 40 21.02 19.04 -0.12
N VAL B 41 20.43 20.06 -0.75
CA VAL B 41 18.98 20.24 -0.80
C VAL B 41 18.29 19.01 -1.39
N ASN B 42 18.86 18.46 -2.45
CA ASN B 42 18.27 17.30 -3.09
C ASN B 42 18.49 15.98 -2.36
N ASP B 43 19.66 15.81 -1.77
CA ASP B 43 19.90 14.56 -1.07
C ASP B 43 19.09 14.52 0.24
N TYR B 44 18.85 15.69 0.82
CA TYR B 44 18.08 15.79 2.05
C TYR B 44 16.66 15.28 1.77
N TYR B 45 16.15 15.64 0.60
CA TYR B 45 14.84 15.22 0.16
C TYR B 45 14.87 13.70 -0.07
N PHE B 46 15.96 13.21 -0.65
CA PHE B 46 16.08 11.79 -0.89
C PHE B 46 16.11 10.99 0.41
N VAL B 47 16.89 11.47 1.39
CA VAL B 47 17.03 10.77 2.66
C VAL B 47 15.70 10.63 3.38
N LYS B 48 14.92 11.71 3.40
CA LYS B 48 13.60 11.70 4.03
C LYS B 48 12.73 10.60 3.43
N ASN B 49 12.74 10.51 2.10
CA ASN B 49 11.92 9.53 1.42
C ASN B 49 12.51 8.15 1.45
N ALA B 50 13.82 8.07 1.65
CA ALA B 50 14.49 6.79 1.73
C ALA B 50 14.06 6.13 3.06
N LEU B 51 13.76 6.98 4.05
CA LEU B 51 13.29 6.54 5.34
C LEU B 51 11.90 5.92 5.17
N ARG B 52 11.05 6.60 4.42
CA ARG B 52 9.69 6.14 4.12
C ARG B 52 9.75 4.81 3.36
N PHE B 53 10.72 4.71 2.47
CA PHE B 53 10.95 3.52 1.65
C PHE B 53 11.27 2.32 2.55
N MSE B 54 12.13 2.56 3.54
CA MSE B 54 12.53 1.55 4.49
C MSE B 54 11.38 1.15 5.40
O MSE B 54 11.29 0.01 5.85
CB MSE B 54 13.68 2.07 5.35
CG MSE B 54 14.97 2.32 4.62
SE MSE B 54 16.22 3.26 5.73
CE MSE B 54 16.74 1.76 6.84
N ALA B 55 10.50 2.11 5.71
CA ALA B 55 9.37 1.84 6.56
C ALA B 55 8.37 0.96 5.80
N LEU B 56 8.25 1.17 4.50
CA LEU B 56 7.37 0.37 3.68
C LEU B 56 7.88 -1.07 3.65
N LEU B 57 9.20 -1.23 3.58
CA LEU B 57 9.81 -2.55 3.57
C LEU B 57 9.59 -3.22 4.93
N MSE B 58 9.74 -2.43 6.00
CA MSE B 58 9.56 -2.95 7.35
C MSE B 58 8.19 -3.61 7.54
O MSE B 58 8.09 -4.71 8.08
CB MSE B 58 9.75 -1.83 8.39
CG MSE B 58 9.43 -2.28 9.82
SE MSE B 58 10.03 -1.02 11.20
CE MSE B 58 9.95 -2.23 12.71
N ALA B 59 7.16 -2.94 7.05
CA ALA B 59 5.80 -3.45 7.17
C ALA B 59 5.59 -4.82 6.52
N LYS B 60 6.36 -5.10 5.47
CA LYS B 60 6.29 -6.34 4.70
C LYS B 60 7.36 -7.35 5.12
N ALA B 61 8.25 -6.96 6.02
CA ALA B 61 9.34 -7.84 6.42
C ALA B 61 9.00 -8.99 7.35
N PRO B 62 9.80 -10.07 7.30
CA PRO B 62 9.60 -11.25 8.15
C PRO B 62 9.84 -10.88 9.62
N ASP B 63 9.17 -11.58 10.54
CA ASP B 63 9.33 -11.30 11.97
C ASP B 63 10.76 -11.13 12.45
N ASP B 64 11.67 -11.99 11.99
CA ASP B 64 13.07 -11.93 12.44
C ASP B 64 13.88 -10.72 11.96
N LEU B 65 13.27 -9.88 11.14
CA LEU B 65 13.91 -8.69 10.62
C LEU B 65 13.37 -7.39 11.23
N LEU B 66 12.29 -7.50 11.99
CA LEU B 66 11.70 -6.33 12.62
C LEU B 66 12.70 -5.52 13.43
N PRO B 67 13.54 -6.18 14.27
CA PRO B 67 14.53 -5.47 15.08
C PRO B 67 15.55 -4.74 14.19
N PHE B 68 15.98 -5.38 13.11
CA PHE B 68 16.93 -4.80 12.18
C PHE B 68 16.37 -3.52 11.57
N PHE B 69 15.13 -3.59 11.10
CA PHE B 69 14.48 -2.44 10.50
C PHE B 69 14.25 -1.33 11.50
N ALA B 70 13.93 -1.69 12.75
CA ALA B 70 13.71 -0.68 13.78
C ALA B 70 14.99 0.11 14.06
N GLU B 71 16.10 -0.63 14.17
CA GLU B 71 17.42 -0.07 14.44
C GLU B 71 17.96 0.72 13.25
N SER B 72 17.78 0.17 12.05
CA SER B 72 18.26 0.81 10.84
C SER B 72 17.56 2.12 10.56
N ILE B 73 16.24 2.12 10.66
CA ILE B 73 15.46 3.34 10.43
C ILE B 73 15.88 4.42 11.43
N TYR B 74 16.07 4.02 12.69
CA TYR B 74 16.48 4.95 13.72
C TYR B 74 17.87 5.49 13.38
N TYR B 75 18.77 4.59 12.98
CA TYR B 75 20.14 4.95 12.59
C TYR B 75 20.15 5.92 11.40
N ILE B 76 19.48 5.54 10.31
CA ILE B 76 19.40 6.37 9.11
C ILE B 76 18.70 7.73 9.36
N SER B 77 17.73 7.75 10.27
CA SER B 77 17.00 8.99 10.60
C SER B 77 17.95 10.05 11.18
N LYS B 78 19.05 9.60 11.75
CA LYS B 78 20.05 10.51 12.32
C LYS B 78 20.64 11.41 11.25
N GLU B 79 20.66 10.89 10.01
CA GLU B 79 21.17 11.61 8.85
C GLU B 79 20.43 12.93 8.65
N LEU B 80 19.16 12.97 9.03
CA LEU B 80 18.36 14.18 8.90
C LEU B 80 18.99 15.31 9.70
N GLU B 81 19.36 15.01 10.95
CA GLU B 81 19.98 15.99 11.83
C GLU B 81 21.31 16.43 11.21
N MSE B 82 22.03 15.49 10.63
CA MSE B 82 23.32 15.79 10.00
C MSE B 82 23.15 16.81 8.87
O MSE B 82 23.96 17.73 8.73
CB MSE B 82 23.96 14.50 9.48
CG MSE B 82 25.20 14.72 8.66
SE MSE B 82 26.05 13.08 8.12
CE MSE B 82 24.78 12.50 6.78
N PHE B 83 22.09 16.66 8.08
CA PHE B 83 21.82 17.58 6.99
C PHE B 83 21.37 18.92 7.54
N GLU B 84 20.52 18.89 8.57
CA GLU B 84 20.00 20.10 9.18
C GLU B 84 21.05 20.96 9.88
N LYS B 85 21.99 20.31 10.56
CA LYS B 85 23.07 21.01 11.27
C LYS B 85 23.88 21.75 10.21
N LYS B 86 24.44 20.98 9.28
CA LYS B 86 25.25 21.52 8.19
C LYS B 86 24.56 22.68 7.48
N ALA B 87 23.24 22.60 7.33
CA ALA B 87 22.50 23.65 6.66
C ALA B 87 22.41 24.94 7.49
N GLN B 88 22.38 24.80 8.81
CA GLN B 88 22.34 25.95 9.71
C GLN B 88 23.67 26.71 9.65
N GLU B 89 24.76 25.95 9.74
CA GLU B 89 26.12 26.47 9.71
C GLU B 89 26.43 27.18 8.41
N LEU B 90 25.80 26.72 7.32
CA LEU B 90 26.00 27.31 6.01
C LEU B 90 24.92 28.34 5.65
N GLY B 91 23.98 28.59 6.58
CA GLY B 91 22.91 29.54 6.33
C GLY B 91 22.15 29.23 5.05
N ILE B 92 21.98 27.93 4.80
CA ILE B 92 21.31 27.44 3.61
C ILE B 92 19.92 26.87 3.92
N SER B 93 18.99 27.09 3.01
CA SER B 93 17.62 26.62 3.14
C SER B 93 17.37 25.29 2.44
N LEU B 94 16.66 24.40 3.11
CA LEU B 94 16.34 23.07 2.58
C LEU B 94 14.93 23.00 2.02
N ASN B 95 14.23 24.14 2.03
CA ASN B 95 12.85 24.20 1.56
C ASN B 95 12.67 24.57 0.09
N GLY B 96 13.75 24.51 -0.68
CA GLY B 96 13.68 24.85 -2.08
C GLY B 96 13.09 23.85 -3.05
N GLU B 97 13.15 24.20 -4.34
CA GLU B 97 12.64 23.35 -5.41
C GLU B 97 13.55 22.14 -5.58
N ILE B 98 12.91 20.98 -5.68
CA ILE B 98 13.59 19.71 -5.82
C ILE B 98 13.80 19.35 -7.29
N ASP B 99 14.98 18.83 -7.59
CA ASP B 99 15.32 18.42 -8.95
C ASP B 99 14.46 17.22 -9.45
N TRP B 100 14.12 17.25 -10.74
CA TRP B 100 13.32 16.19 -11.36
C TRP B 100 13.92 14.79 -11.24
N ARG B 101 15.25 14.70 -11.34
CA ARG B 101 15.92 13.40 -11.22
C ARG B 101 15.74 12.84 -9.81
N ALA B 102 15.75 13.72 -8.81
CA ALA B 102 15.58 13.30 -7.43
C ALA B 102 14.18 12.74 -7.17
N LYS B 103 13.15 13.47 -7.60
CA LYS B 103 11.76 13.02 -7.42
C LYS B 103 11.52 11.70 -8.13
N SER B 104 12.11 11.56 -9.30
CA SER B 104 12.00 10.35 -10.11
C SER B 104 12.63 9.14 -9.41
N TYR B 105 13.73 9.37 -8.71
CA TYR B 105 14.41 8.29 -8.01
C TYR B 105 13.55 7.90 -6.80
N VAL B 106 13.08 8.91 -6.09
CA VAL B 106 12.24 8.70 -4.91
C VAL B 106 10.97 7.93 -5.26
N ASN B 107 10.27 8.39 -6.29
CA ASN B 107 9.01 7.76 -6.69
C ASN B 107 9.18 6.32 -7.17
N TYR B 108 10.32 6.02 -7.76
CA TYR B 108 10.59 4.65 -8.19
C TYR B 108 10.76 3.76 -6.94
N LEU B 109 11.50 4.26 -5.95
CA LEU B 109 11.73 3.47 -4.73
C LEU B 109 10.43 3.20 -4.00
N LEU B 110 9.59 4.22 -3.88
CA LEU B 110 8.31 4.03 -3.22
C LEU B 110 7.41 3.05 -4.00
N SER B 111 7.52 3.03 -5.33
CA SER B 111 6.72 2.10 -6.14
C SER B 111 7.22 0.68 -5.93
N VAL B 112 8.53 0.51 -5.87
CA VAL B 112 9.09 -0.82 -5.64
C VAL B 112 8.71 -1.34 -4.25
N ALA B 113 8.75 -0.45 -3.26
CA ALA B 113 8.43 -0.84 -1.89
C ALA B 113 6.95 -1.15 -1.73
N SER B 114 6.10 -0.44 -2.46
CA SER B 114 4.65 -0.63 -2.37
C SER B 114 4.07 -1.78 -3.19
N LEU B 115 4.53 -1.92 -4.43
CA LEU B 115 4.00 -2.92 -5.34
C LEU B 115 4.94 -4.07 -5.69
N GLY B 116 6.21 -3.93 -5.34
CA GLY B 116 7.14 -5.00 -5.65
C GLY B 116 7.19 -6.06 -4.57
N SER B 117 7.98 -7.10 -4.82
CA SER B 117 8.15 -8.19 -3.86
C SER B 117 9.11 -7.67 -2.77
N PHE B 118 9.16 -8.34 -1.62
CA PHE B 118 10.06 -7.91 -0.55
C PHE B 118 11.52 -7.97 -1.03
N LEU B 119 11.81 -9.01 -1.81
CA LEU B 119 13.14 -9.24 -2.36
C LEU B 119 13.60 -8.05 -3.22
N GLU B 120 12.73 -7.59 -4.11
CA GLU B 120 13.05 -6.45 -4.95
C GLU B 120 13.31 -5.22 -4.06
N GLY B 121 12.45 -5.05 -3.06
CA GLY B 121 12.59 -3.92 -2.17
C GLY B 121 13.90 -3.96 -1.40
N PHE B 122 14.20 -5.10 -0.81
CA PHE B 122 15.43 -5.26 -0.06
C PHE B 122 16.64 -5.14 -0.97
N THR B 123 16.50 -5.59 -2.22
CA THR B 123 17.60 -5.49 -3.18
C THR B 123 17.85 -4.00 -3.44
N ALA B 124 16.78 -3.22 -3.55
CA ALA B 124 16.92 -1.78 -3.80
C ALA B 124 17.62 -1.11 -2.61
N LEU B 125 17.29 -1.57 -1.40
CA LEU B 125 17.89 -1.02 -0.19
C LEU B 125 19.41 -1.26 -0.23
N TYR B 126 19.80 -2.50 -0.46
CA TYR B 126 21.22 -2.87 -0.52
C TYR B 126 21.96 -1.97 -1.51
N CYS B 127 21.46 -1.92 -2.72
CA CYS B 127 22.05 -1.13 -3.78
C CYS B 127 22.30 0.32 -3.36
N GLU B 128 21.26 0.98 -2.86
CA GLU B 128 21.36 2.37 -2.40
C GLU B 128 22.40 2.60 -1.29
N GLU B 129 22.43 1.70 -0.33
CA GLU B 129 23.38 1.84 0.78
C GLU B 129 24.79 1.49 0.37
N LYS B 130 24.92 0.39 -0.38
CA LYS B 130 26.21 -0.08 -0.85
C LYS B 130 26.83 0.94 -1.81
N ALA B 131 25.99 1.57 -2.63
CA ALA B 131 26.47 2.58 -3.57
C ALA B 131 27.11 3.75 -2.84
N TYR B 132 26.43 4.25 -1.80
CA TYR B 132 26.95 5.39 -1.05
C TYR B 132 28.17 5.05 -0.22
N TYR B 133 28.22 3.81 0.26
CA TYR B 133 29.35 3.35 1.05
C TYR B 133 30.60 3.39 0.18
N GLU B 134 30.50 2.88 -1.03
CA GLU B 134 31.63 2.86 -1.96
C GLU B 134 32.06 4.26 -2.41
N ALA B 135 31.11 5.10 -2.79
CA ALA B 135 31.40 6.45 -3.26
C ALA B 135 32.12 7.29 -2.23
N TRP B 136 31.58 7.32 -1.01
CA TRP B 136 32.17 8.09 0.06
C TRP B 136 33.46 7.45 0.57
N LYS B 137 33.60 6.15 0.34
CA LYS B 137 34.82 5.45 0.76
C LYS B 137 35.90 5.91 -0.22
N TRP B 138 35.54 6.04 -1.50
CA TRP B 138 36.47 6.50 -2.52
C TRP B 138 36.94 7.89 -2.14
N VAL B 139 36.00 8.74 -1.75
CA VAL B 139 36.32 10.11 -1.36
C VAL B 139 37.29 10.15 -0.18
N ARG B 140 37.04 9.33 0.85
CA ARG B 140 37.92 9.31 2.02
C ARG B 140 39.33 8.88 1.65
N GLU B 141 39.42 7.99 0.66
CA GLU B 141 40.68 7.45 0.20
C GLU B 141 41.42 8.27 -0.84
N ASN B 142 40.80 9.33 -1.34
CA ASN B 142 41.46 10.18 -2.32
C ASN B 142 41.46 11.63 -1.87
N LEU B 143 41.16 11.83 -0.60
CA LEU B 143 41.11 13.15 0.02
C LEU B 143 42.52 13.72 0.19
N LYS B 144 42.84 14.76 -0.58
CA LYS B 144 44.15 15.41 -0.51
C LYS B 144 44.33 15.98 0.90
N GLU B 145 43.41 16.87 1.28
CA GLU B 145 43.43 17.47 2.60
C GLU B 145 42.05 17.36 3.21
N ARG B 146 41.88 17.93 4.39
CA ARG B 146 40.63 17.87 5.12
C ARG B 146 39.55 18.72 4.46
N SER B 147 38.38 18.11 4.26
CA SER B 147 37.23 18.75 3.63
C SER B 147 36.31 19.50 4.58
N PRO B 148 35.62 20.54 4.06
CA PRO B 148 34.67 21.34 4.84
C PRO B 148 33.42 20.50 5.05
N TYR B 149 33.35 19.36 4.37
CA TYR B 149 32.20 18.47 4.44
C TYR B 149 32.63 17.12 4.97
N GLN B 150 33.63 17.14 5.85
CA GLN B 150 34.16 15.92 6.45
C GLN B 150 33.09 15.08 7.16
N GLU B 151 32.11 15.74 7.76
CA GLU B 151 31.03 15.05 8.47
C GLU B 151 30.38 13.99 7.58
N PHE B 152 30.00 14.40 6.37
CA PHE B 152 29.37 13.50 5.40
C PHE B 152 30.30 12.41 4.89
N ILE B 153 31.55 12.78 4.64
CA ILE B 153 32.54 11.82 4.16
C ILE B 153 32.74 10.73 5.19
N ASN B 154 32.85 11.12 6.46
CA ASN B 154 33.04 10.18 7.56
C ASN B 154 31.84 9.29 7.81
N HIS B 155 30.65 9.87 7.84
CA HIS B 155 29.46 9.07 8.11
C HIS B 155 29.24 7.92 7.12
N TRP B 156 29.29 8.21 5.83
CA TRP B 156 29.07 7.17 4.83
C TRP B 156 30.23 6.22 4.56
N SER B 157 31.43 6.60 5.02
CA SER B 157 32.61 5.77 4.83
C SER B 157 33.04 5.10 6.14
N SER B 158 32.38 5.46 7.23
CA SER B 158 32.71 4.91 8.56
C SER B 158 32.56 3.40 8.66
N GLN B 159 33.25 2.82 9.63
CA GLN B 159 33.20 1.38 9.89
C GLN B 159 31.78 0.99 10.28
N GLU B 160 31.12 1.90 11.01
CA GLU B 160 29.76 1.69 11.46
C GLU B 160 28.80 1.52 10.28
N PHE B 161 28.91 2.41 9.30
CA PHE B 161 28.05 2.34 8.13
C PHE B 161 28.38 1.08 7.32
N GLY B 162 29.67 0.76 7.21
CA GLY B 162 30.10 -0.41 6.48
C GLY B 162 29.56 -1.69 7.10
N GLU B 163 29.38 -1.68 8.42
CA GLU B 163 28.86 -2.83 9.14
C GLU B 163 27.38 -2.97 8.82
N TYR B 164 26.73 -1.82 8.72
CA TYR B 164 25.31 -1.75 8.40
C TYR B 164 25.11 -2.29 6.97
N VAL B 165 26.01 -1.93 6.06
CA VAL B 165 25.95 -2.40 4.69
C VAL B 165 26.19 -3.91 4.65
N LYS B 166 27.18 -4.36 5.42
CA LYS B 166 27.52 -5.78 5.49
C LYS B 166 26.33 -6.57 6.03
N ARG B 167 25.62 -5.97 6.98
CA ARG B 167 24.47 -6.59 7.62
C ARG B 167 23.33 -6.75 6.61
N ILE B 168 23.15 -5.76 5.73
CA ILE B 168 22.10 -5.80 4.71
C ILE B 168 22.47 -6.89 3.69
N GLU B 169 23.75 -6.91 3.33
CA GLU B 169 24.29 -7.87 2.38
C GLU B 169 24.02 -9.30 2.81
N LYS B 170 24.35 -9.60 4.07
CA LYS B 170 24.17 -10.93 4.63
C LYS B 170 22.69 -11.35 4.61
N ILE B 171 21.80 -10.41 4.92
CA ILE B 171 20.36 -10.67 4.90
C ILE B 171 19.87 -10.91 3.48
N LEU B 172 20.30 -10.05 2.55
CA LEU B 172 19.92 -10.17 1.15
C LEU B 172 20.35 -11.51 0.54
N ASN B 173 21.63 -11.81 0.65
CA ASN B 173 22.19 -13.05 0.11
C ASN B 173 21.42 -14.27 0.58
N SER B 174 21.02 -14.23 1.85
CA SER B 174 20.28 -15.31 2.50
C SER B 174 18.82 -15.41 2.03
N LEU B 175 18.23 -14.26 1.68
CA LEU B 175 16.85 -14.18 1.18
C LEU B 175 16.79 -14.67 -0.25
N ALA B 176 17.83 -14.32 -1.01
CA ALA B 176 17.93 -14.71 -2.41
C ALA B 176 18.04 -16.23 -2.52
N GLU B 177 18.82 -16.85 -1.63
CA GLU B 177 19.02 -18.28 -1.67
C GLU B 177 17.79 -19.16 -1.51
N LYS B 178 16.66 -18.55 -1.13
CA LYS B 178 15.43 -19.32 -0.99
C LYS B 178 14.36 -18.85 -1.98
N HIS B 179 14.84 -18.21 -3.04
CA HIS B 179 13.96 -17.73 -4.10
C HIS B 179 14.42 -18.34 -5.41
N GLY B 180 13.54 -18.36 -6.40
CA GLY B 180 13.89 -18.92 -7.69
C GLY B 180 14.64 -17.92 -8.54
N GLU B 181 14.83 -18.26 -9.82
CA GLU B 181 15.52 -17.39 -10.76
C GLU B 181 14.62 -16.33 -11.40
N PHE B 182 13.32 -16.60 -11.44
CA PHE B 182 12.36 -15.63 -11.99
C PHE B 182 12.32 -14.40 -11.09
N GLU B 183 12.11 -14.66 -9.80
CA GLU B 183 12.02 -13.61 -8.80
C GLU B 183 13.38 -12.95 -8.56
N LYS B 184 14.45 -13.71 -8.75
CA LYS B 184 15.78 -13.16 -8.59
C LYS B 184 16.04 -12.16 -9.72
N GLU B 185 15.58 -12.50 -10.92
CA GLU B 185 15.75 -11.63 -12.09
C GLU B 185 15.03 -10.30 -11.91
N ARG B 186 13.87 -10.35 -11.26
CA ARG B 186 13.08 -9.15 -11.00
C ARG B 186 13.94 -8.22 -10.13
N ALA B 187 14.55 -8.80 -9.11
CA ALA B 187 15.42 -8.06 -8.21
C ALA B 187 16.65 -7.57 -8.96
N ARG B 188 17.21 -8.42 -9.83
CA ARG B 188 18.38 -8.03 -10.61
C ARG B 188 18.07 -6.75 -11.39
N GLU B 189 16.87 -6.71 -11.96
CA GLU B 189 16.42 -5.55 -12.72
C GLU B 189 16.31 -4.30 -11.85
N VAL B 190 15.76 -4.46 -10.65
CA VAL B 190 15.62 -3.34 -9.74
C VAL B 190 17.00 -2.81 -9.35
N PHE B 191 17.94 -3.71 -9.10
CA PHE B 191 19.30 -3.32 -8.72
C PHE B 191 19.93 -2.48 -9.84
N LYS B 192 19.71 -2.90 -11.09
CA LYS B 192 20.23 -2.20 -12.26
C LYS B 192 19.63 -0.80 -12.33
N GLU B 193 18.32 -0.72 -12.17
CA GLU B 193 17.61 0.54 -12.25
C GLU B 193 18.04 1.48 -11.12
N VAL B 194 18.18 0.95 -9.90
CA VAL B 194 18.60 1.79 -8.78
C VAL B 194 20.03 2.29 -9.02
N SER B 195 20.84 1.46 -9.68
CA SER B 195 22.22 1.80 -10.01
C SER B 195 22.28 3.03 -10.92
N LYS B 196 21.41 3.04 -11.93
CA LYS B 196 21.33 4.15 -12.88
C LYS B 196 20.92 5.44 -12.17
N PHE B 197 19.98 5.30 -11.23
CA PHE B 197 19.50 6.43 -10.45
C PHE B 197 20.60 7.00 -9.59
N GLU B 198 21.42 6.13 -9.01
CA GLU B 198 22.54 6.55 -8.17
C GLU B 198 23.55 7.35 -9.01
N LEU B 199 23.84 6.82 -10.20
CA LEU B 199 24.78 7.47 -11.09
C LEU B 199 24.29 8.85 -11.53
N ILE B 200 23.00 8.93 -11.84
CA ILE B 200 22.38 10.16 -12.29
C ILE B 200 22.24 11.21 -11.21
N PHE B 201 22.02 10.78 -9.98
CA PHE B 201 21.85 11.72 -8.88
C PHE B 201 23.01 12.68 -8.72
N TRP B 202 24.23 12.19 -8.92
CA TRP B 202 25.41 13.03 -8.77
C TRP B 202 25.38 14.24 -9.70
N ASP B 203 24.78 14.09 -10.88
CA ASP B 203 24.69 15.19 -11.84
C ASP B 203 23.84 16.37 -11.37
N ILE B 204 22.91 16.10 -10.46
CA ILE B 204 22.01 17.14 -9.93
C ILE B 204 22.76 18.36 -9.41
N ALA B 205 23.92 18.15 -8.79
CA ALA B 205 24.70 19.27 -8.26
C ALA B 205 25.07 20.31 -9.34
N TYR B 206 25.25 19.84 -10.58
CA TYR B 206 25.63 20.72 -11.67
C TYR B 206 24.43 21.24 -12.47
N GLY B 207 23.24 20.81 -12.06
CA GLY B 207 22.01 21.25 -12.71
C GLY B 207 21.84 22.74 -12.52
N GLY B 208 21.13 23.38 -13.44
CA GLY B 208 20.97 24.81 -13.35
C GLY B 208 22.24 25.40 -13.94
N GLU B 209 22.58 24.91 -15.12
CA GLU B 209 23.76 25.34 -15.87
C GLU B 209 23.36 26.33 -16.97
N MSE C 1 -16.65 25.94 -7.02
CA MSE C 1 -16.49 24.65 -7.75
C MSE C 1 -14.99 24.34 -7.93
O MSE C 1 -14.28 24.99 -8.69
CB MSE C 1 -17.22 24.71 -9.09
CG MSE C 1 -17.27 23.38 -9.82
SE MSE C 1 -18.84 23.15 -10.95
CE MSE C 1 -20.07 22.49 -9.60
N PHE C 2 -14.54 23.33 -7.19
CA PHE C 2 -13.15 22.88 -7.16
C PHE C 2 -12.52 22.52 -8.51
N SER C 3 -13.26 21.82 -9.35
CA SER C 3 -12.75 21.43 -10.66
C SER C 3 -12.38 22.66 -11.48
N GLU C 4 -13.20 23.69 -11.38
CA GLU C 4 -12.97 24.93 -12.12
C GLU C 4 -11.81 25.73 -11.55
N GLU C 5 -11.65 25.71 -10.24
CA GLU C 5 -10.53 26.42 -9.61
C GLU C 5 -9.23 25.76 -10.07
N LEU C 6 -9.22 24.42 -10.11
CA LEU C 6 -8.06 23.65 -10.55
C LEU C 6 -7.66 24.02 -11.97
N ILE C 7 -8.66 24.09 -12.86
CA ILE C 7 -8.44 24.44 -14.24
C ILE C 7 -7.88 25.86 -14.40
N LYS C 8 -8.53 26.81 -13.73
CA LYS C 8 -8.16 28.22 -13.78
C LYS C 8 -6.71 28.47 -13.40
N GLU C 9 -6.29 27.88 -12.28
CA GLU C 9 -4.95 28.01 -11.73
C GLU C 9 -3.81 27.38 -12.55
N ASN C 10 -4.14 26.42 -13.41
CA ASN C 10 -3.15 25.73 -14.23
C ASN C 10 -3.36 25.99 -15.73
N GLU C 11 -4.06 27.07 -15.99
CA GLU C 11 -4.40 27.52 -17.33
C GLU C 11 -3.21 27.70 -18.24
N ASN C 12 -2.14 28.29 -17.73
CA ASN C 12 -0.95 28.53 -18.54
C ASN C 12 -0.24 27.24 -18.89
N ILE C 13 -0.36 26.24 -18.03
CA ILE C 13 0.24 24.95 -18.33
C ILE C 13 -0.61 24.24 -19.38
N TRP C 14 -1.93 24.25 -19.20
CA TRP C 14 -2.81 23.57 -20.16
C TRP C 14 -2.80 24.19 -21.55
N ARG C 15 -2.70 25.52 -21.62
CA ARG C 15 -2.66 26.24 -22.89
C ARG C 15 -1.53 25.70 -23.76
N ARG C 16 -0.50 25.16 -23.09
CA ARG C 16 0.68 24.61 -23.75
C ARG C 16 0.40 23.30 -24.50
N PHE C 17 -0.62 22.55 -24.09
CA PHE C 17 -0.93 21.33 -24.83
C PHE C 17 -2.28 21.41 -25.54
N LEU C 18 -2.83 22.62 -25.57
CA LEU C 18 -4.11 22.92 -26.22
C LEU C 18 -3.93 24.04 -27.26
N PRO C 19 -3.28 23.73 -28.40
CA PRO C 19 -2.72 22.43 -28.74
C PRO C 19 -1.20 22.34 -28.57
N HIS C 20 -0.71 21.12 -28.45
CA HIS C 20 0.72 20.89 -28.36
C HIS C 20 1.07 20.60 -29.80
N LYS C 21 2.34 20.74 -30.11
CA LYS C 21 2.87 20.48 -31.43
C LYS C 21 2.32 19.15 -31.99
N PHE C 22 2.37 18.11 -31.15
CA PHE C 22 1.88 16.79 -31.55
C PHE C 22 0.42 16.82 -32.00
N LEU C 23 -0.38 17.67 -31.39
CA LEU C 23 -1.80 17.78 -31.73
C LEU C 23 -2.00 18.53 -33.03
N ILE C 24 -1.15 19.52 -33.28
CA ILE C 24 -1.23 20.28 -34.51
C ILE C 24 -0.92 19.34 -35.68
N GLU C 25 0.10 18.50 -35.53
CA GLU C 25 0.47 17.57 -36.59
C GLU C 25 -0.57 16.47 -36.78
N MSE C 26 -1.24 16.09 -35.69
CA MSE C 26 -2.30 15.08 -35.75
C MSE C 26 -3.45 15.66 -36.58
O MSE C 26 -3.96 15.02 -37.50
CB MSE C 26 -2.80 14.75 -34.35
CG MSE C 26 -1.97 13.73 -33.58
SE MSE C 26 -2.19 11.92 -34.25
CE MSE C 26 -4.06 11.92 -34.63
N ALA C 27 -3.82 16.89 -36.25
CA ALA C 27 -4.92 17.56 -36.94
C ALA C 27 -4.63 17.87 -38.41
N GLU C 28 -3.39 18.22 -38.73
CA GLU C 28 -3.02 18.54 -40.11
C GLU C 28 -2.52 17.33 -40.89
N ASN C 29 -2.50 16.17 -40.23
CA ASN C 29 -2.05 14.93 -40.84
C ASN C 29 -0.60 14.98 -41.33
N THR C 30 0.22 15.77 -40.64
CA THR C 30 1.62 15.92 -40.99
C THR C 30 2.49 15.09 -40.07
N ILE C 31 1.85 14.34 -39.19
CA ILE C 31 2.52 13.49 -38.23
C ILE C 31 3.33 12.38 -38.92
N LYS C 32 4.60 12.27 -38.55
CA LYS C 32 5.44 11.24 -39.13
C LYS C 32 5.23 9.95 -38.37
N LYS C 33 5.16 8.85 -39.11
CA LYS C 33 4.94 7.52 -38.55
C LYS C 33 5.86 7.22 -37.36
N GLU C 34 7.07 7.76 -37.44
CA GLU C 34 8.07 7.57 -36.41
C GLU C 34 7.68 8.19 -35.08
N ASN C 35 7.12 9.39 -35.15
CA ASN C 35 6.72 10.09 -33.95
C ASN C 35 5.45 9.51 -33.32
N PHE C 36 4.52 9.04 -34.15
CA PHE C 36 3.31 8.45 -33.61
C PHE C 36 3.69 7.17 -32.87
N GLU C 37 4.54 6.37 -33.51
CA GLU C 37 4.99 5.11 -32.95
C GLU C 37 5.55 5.27 -31.54
N LYS C 38 6.42 6.26 -31.38
CA LYS C 38 7.02 6.52 -30.09
C LYS C 38 5.95 6.90 -29.07
N TRP C 39 5.00 7.74 -29.47
CA TRP C 39 3.92 8.12 -28.56
C TRP C 39 3.09 6.89 -28.18
N LEU C 40 2.79 6.05 -29.17
CA LEU C 40 1.99 4.84 -28.98
C LEU C 40 2.60 3.89 -27.96
N VAL C 41 3.87 3.56 -28.16
CA VAL C 41 4.58 2.66 -27.26
C VAL C 41 4.60 3.21 -25.82
N ASN C 42 4.94 4.48 -25.68
CA ASN C 42 4.97 5.09 -24.36
C ASN C 42 3.61 5.30 -23.71
N ASP C 43 2.60 5.67 -24.49
CA ASP C 43 1.28 5.87 -23.91
C ASP C 43 0.63 4.55 -23.51
N TYR C 44 0.96 3.48 -24.23
CA TYR C 44 0.43 2.16 -23.93
C TYR C 44 0.89 1.77 -22.53
N TYR C 45 2.15 2.05 -22.25
CA TYR C 45 2.75 1.79 -20.96
C TYR C 45 1.99 2.61 -19.92
N PHE C 46 1.77 3.88 -20.23
CA PHE C 46 1.05 4.76 -19.32
C PHE C 46 -0.36 4.25 -19.03
N VAL C 47 -1.07 3.80 -20.06
CA VAL C 47 -2.43 3.31 -19.88
C VAL C 47 -2.46 2.13 -18.93
N LYS C 48 -1.52 1.20 -19.10
CA LYS C 48 -1.44 0.01 -18.24
C LYS C 48 -1.31 0.38 -16.78
N ASN C 49 -0.40 1.31 -16.49
CA ASN C 49 -0.20 1.75 -15.13
C ASN C 49 -1.29 2.66 -14.61
N ALA C 50 -1.95 3.37 -15.52
CA ALA C 50 -3.04 4.25 -15.13
C ALA C 50 -4.17 3.37 -14.59
N LEU C 51 -4.26 2.14 -15.08
CA LEU C 51 -5.26 1.19 -14.63
C LEU C 51 -4.89 0.74 -13.22
N ARG C 52 -3.60 0.55 -12.97
CA ARG C 52 -3.14 0.15 -11.64
C ARG C 52 -3.42 1.29 -10.66
N PHE C 53 -3.22 2.50 -11.13
CA PHE C 53 -3.45 3.70 -10.34
C PHE C 53 -4.91 3.71 -9.91
N MSE C 54 -5.80 3.45 -10.86
CA MSE C 54 -7.23 3.45 -10.60
C MSE C 54 -7.63 2.34 -9.66
O MSE C 54 -8.52 2.51 -8.84
CB MSE C 54 -8.00 3.30 -11.92
CG MSE C 54 -7.90 4.49 -12.81
SE MSE C 54 -8.67 4.15 -14.52
CE MSE C 54 -10.53 4.18 -14.01
N ALA C 55 -6.98 1.20 -9.78
CA ALA C 55 -7.26 0.07 -8.93
C ALA C 55 -6.87 0.47 -7.51
N LEU C 56 -5.73 1.15 -7.37
CA LEU C 56 -5.29 1.60 -6.05
C LEU C 56 -6.32 2.54 -5.43
N LEU C 57 -6.79 3.52 -6.22
CA LEU C 57 -7.81 4.44 -5.72
C LEU C 57 -9.08 3.66 -5.32
N MSE C 58 -9.48 2.70 -6.15
CA MSE C 58 -10.68 1.90 -5.89
C MSE C 58 -10.69 1.25 -4.50
O MSE C 58 -11.70 1.31 -3.79
CB MSE C 58 -10.88 0.82 -6.97
CG MSE C 58 -12.03 -0.14 -6.65
SE MSE C 58 -12.51 -1.34 -8.10
CE MSE C 58 -14.31 -1.81 -7.54
N ALA C 59 -9.55 0.68 -4.11
CA ALA C 59 -9.42 0.00 -2.82
C ALA C 59 -9.57 0.93 -1.61
N LYS C 60 -9.34 2.23 -1.80
CA LYS C 60 -9.42 3.23 -0.74
C LYS C 60 -10.71 4.02 -0.82
N ALA C 61 -11.46 3.81 -1.89
CA ALA C 61 -12.69 4.52 -2.15
C ALA C 61 -13.88 4.24 -1.24
N PRO C 62 -14.77 5.23 -1.09
CA PRO C 62 -15.96 5.11 -0.26
C PRO C 62 -16.88 4.07 -0.89
N ASP C 63 -17.70 3.42 -0.09
CA ASP C 63 -18.62 2.40 -0.57
C ASP C 63 -19.43 2.83 -1.79
N ASP C 64 -20.04 4.01 -1.74
CA ASP C 64 -20.86 4.48 -2.85
C ASP C 64 -20.12 4.74 -4.18
N LEU C 65 -18.80 4.67 -4.16
CA LEU C 65 -18.02 4.87 -5.38
C LEU C 65 -17.49 3.57 -5.95
N LEU C 66 -17.71 2.46 -5.25
CA LEU C 66 -17.22 1.17 -5.74
C LEU C 66 -17.77 0.80 -7.11
N PRO C 67 -19.07 1.08 -7.38
CA PRO C 67 -19.64 0.74 -8.69
C PRO C 67 -18.99 1.56 -9.81
N PHE C 68 -18.78 2.84 -9.53
CA PHE C 68 -18.17 3.77 -10.49
C PHE C 68 -16.77 3.30 -10.89
N PHE C 69 -15.99 2.87 -9.90
CA PHE C 69 -14.64 2.39 -10.16
C PHE C 69 -14.60 1.08 -10.94
N ALA C 70 -15.51 0.16 -10.65
CA ALA C 70 -15.53 -1.12 -11.35
C ALA C 70 -15.87 -0.93 -12.81
N GLU C 71 -16.78 0.00 -13.06
CA GLU C 71 -17.24 0.35 -14.40
C GLU C 71 -16.18 1.14 -15.16
N SER C 72 -15.61 2.14 -14.49
CA SER C 72 -14.59 2.97 -15.11
C SER C 72 -13.34 2.17 -15.46
N ILE C 73 -12.88 1.33 -14.54
CA ILE C 73 -11.70 0.51 -14.82
C ILE C 73 -11.99 -0.44 -15.99
N TYR C 74 -13.19 -1.02 -16.02
CA TYR C 74 -13.56 -1.92 -17.10
C TYR C 74 -13.54 -1.14 -18.41
N TYR C 75 -14.16 0.04 -18.38
CA TYR C 75 -14.25 0.94 -19.53
C TYR C 75 -12.86 1.34 -20.04
N ILE C 76 -12.01 1.82 -19.13
CA ILE C 76 -10.66 2.27 -19.46
C ILE C 76 -9.78 1.12 -19.96
N SER C 77 -9.97 -0.09 -19.41
CA SER C 77 -9.20 -1.27 -19.83
C SER C 77 -9.35 -1.57 -21.33
N LYS C 78 -10.46 -1.14 -21.90
CA LYS C 78 -10.71 -1.37 -23.32
C LYS C 78 -9.69 -0.63 -24.17
N GLU C 79 -9.09 0.41 -23.59
CA GLU C 79 -8.07 1.19 -24.31
C GLU C 79 -6.88 0.32 -24.65
N LEU C 80 -6.66 -0.73 -23.85
CA LEU C 80 -5.54 -1.65 -24.10
C LEU C 80 -5.74 -2.33 -25.45
N GLU C 81 -6.95 -2.82 -25.68
CA GLU C 81 -7.31 -3.50 -26.93
C GLU C 81 -7.14 -2.53 -28.09
N MSE C 82 -7.53 -1.27 -27.87
CA MSE C 82 -7.42 -0.24 -28.89
C MSE C 82 -5.96 -0.04 -29.30
O MSE C 82 -5.64 0.01 -30.49
CB MSE C 82 -8.02 1.07 -28.36
CG MSE C 82 -7.95 2.24 -29.32
SE MSE C 82 -8.73 3.88 -28.60
CE MSE C 82 -7.40 4.31 -27.27
N PHE C 83 -5.08 0.00 -28.30
CA PHE C 83 -3.67 0.15 -28.57
C PHE C 83 -3.10 -1.08 -29.27
N GLU C 84 -3.46 -2.26 -28.78
CA GLU C 84 -2.97 -3.51 -29.36
C GLU C 84 -3.42 -3.74 -30.80
N LYS C 85 -4.71 -3.52 -31.04
CA LYS C 85 -5.29 -3.68 -32.37
C LYS C 85 -4.60 -2.74 -33.35
N LYS C 86 -4.42 -1.48 -32.94
CA LYS C 86 -3.77 -0.48 -33.78
C LYS C 86 -2.31 -0.84 -34.04
N ALA C 87 -1.69 -1.54 -33.11
CA ALA C 87 -0.30 -1.94 -33.28
C ALA C 87 -0.16 -3.09 -34.29
N GLN C 88 -1.15 -4.00 -34.31
CA GLN C 88 -1.14 -5.13 -35.25
C GLN C 88 -1.24 -4.58 -36.67
N GLU C 89 -2.15 -3.62 -36.83
CA GLU C 89 -2.38 -2.98 -38.13
C GLU C 89 -1.16 -2.26 -38.67
N LEU C 90 -0.33 -1.72 -37.78
CA LEU C 90 0.86 -1.00 -38.20
C LEU C 90 2.13 -1.82 -38.10
N GLY C 91 2.03 -3.07 -37.64
CA GLY C 91 3.19 -3.93 -37.50
C GLY C 91 4.22 -3.31 -36.58
N ILE C 92 3.70 -2.71 -35.52
CA ILE C 92 4.50 -2.03 -34.52
C ILE C 92 4.55 -2.84 -33.22
N SER C 93 5.72 -2.87 -32.61
CA SER C 93 5.91 -3.60 -31.36
C SER C 93 5.65 -2.65 -30.21
N LEU C 94 5.00 -3.14 -29.16
CA LEU C 94 4.72 -2.32 -27.99
C LEU C 94 5.70 -2.67 -26.86
N ASN C 95 6.64 -3.55 -27.17
CA ASN C 95 7.63 -4.01 -26.21
C ASN C 95 8.93 -3.20 -26.17
N GLY C 96 8.90 -2.03 -26.79
CA GLY C 96 10.09 -1.20 -26.85
C GLY C 96 10.58 -0.58 -25.56
N GLU C 97 11.65 0.21 -25.67
CA GLU C 97 12.25 0.89 -24.54
C GLU C 97 11.37 2.09 -24.19
N ILE C 98 11.05 2.22 -22.91
CA ILE C 98 10.19 3.28 -22.40
C ILE C 98 10.95 4.52 -21.94
N ASP C 99 10.47 5.68 -22.40
CA ASP C 99 11.06 6.98 -22.07
C ASP C 99 11.02 7.30 -20.56
N TRP C 100 12.07 7.94 -20.08
CA TRP C 100 12.19 8.31 -18.67
C TRP C 100 11.04 9.18 -18.17
N ARG C 101 10.53 10.03 -19.05
CA ARG C 101 9.44 10.93 -18.70
C ARG C 101 8.15 10.17 -18.43
N ALA C 102 7.94 9.06 -19.15
CA ALA C 102 6.76 8.23 -18.98
C ALA C 102 6.82 7.50 -17.64
N LYS C 103 7.97 6.89 -17.35
CA LYS C 103 8.17 6.15 -16.11
C LYS C 103 8.05 7.08 -14.91
N SER C 104 8.51 8.31 -15.08
CA SER C 104 8.45 9.30 -14.03
C SER C 104 7.01 9.65 -13.70
N TYR C 105 6.21 9.90 -14.73
CA TYR C 105 4.80 10.23 -14.58
C TYR C 105 4.09 9.05 -13.90
N VAL C 106 4.37 7.84 -14.38
CA VAL C 106 3.76 6.65 -13.81
C VAL C 106 4.07 6.50 -12.33
N ASN C 107 5.35 6.54 -11.99
CA ASN C 107 5.75 6.38 -10.61
C ASN C 107 5.16 7.44 -9.70
N TYR C 108 4.93 8.63 -10.23
CA TYR C 108 4.32 9.69 -9.42
C TYR C 108 2.85 9.38 -9.12
N LEU C 109 2.11 8.89 -10.12
CA LEU C 109 0.70 8.55 -9.92
C LEU C 109 0.58 7.42 -8.91
N LEU C 110 1.46 6.43 -9.02
CA LEU C 110 1.47 5.29 -8.12
C LEU C 110 1.73 5.70 -6.67
N SER C 111 2.65 6.65 -6.50
CA SER C 111 2.97 7.15 -5.17
C SER C 111 1.81 7.93 -4.60
N VAL C 112 1.12 8.69 -5.45
CA VAL C 112 -0.01 9.47 -4.99
C VAL C 112 -1.14 8.54 -4.54
N ALA C 113 -1.38 7.51 -5.32
CA ALA C 113 -2.43 6.55 -5.00
C ALA C 113 -2.07 5.74 -3.76
N SER C 114 -0.80 5.42 -3.58
CA SER C 114 -0.40 4.65 -2.43
C SER C 114 -0.28 5.41 -1.12
N LEU C 115 0.41 6.56 -1.16
CA LEU C 115 0.67 7.31 0.04
C LEU C 115 -0.17 8.56 0.27
N GLY C 116 -0.84 9.03 -0.77
CA GLY C 116 -1.64 10.23 -0.62
C GLY C 116 -3.05 9.98 -0.14
N SER C 117 -3.76 11.08 0.11
CA SER C 117 -5.14 11.04 0.54
C SER C 117 -5.98 10.68 -0.67
N PHE C 118 -7.19 10.18 -0.45
CA PHE C 118 -8.08 9.83 -1.54
C PHE C 118 -8.38 11.05 -2.42
N LEU C 119 -8.49 12.23 -1.80
CA LEU C 119 -8.77 13.46 -2.54
C LEU C 119 -7.64 13.74 -3.53
N GLU C 120 -6.40 13.58 -3.08
CA GLU C 120 -5.25 13.80 -3.95
C GLU C 120 -5.27 12.85 -5.14
N GLY C 121 -5.58 11.58 -4.86
CA GLY C 121 -5.63 10.57 -5.90
C GLY C 121 -6.75 10.76 -6.90
N PHE C 122 -7.93 11.09 -6.40
CA PHE C 122 -9.08 11.34 -7.25
C PHE C 122 -8.87 12.61 -8.07
N THR C 123 -8.16 13.58 -7.50
CA THR C 123 -7.83 14.84 -8.19
C THR C 123 -6.88 14.54 -9.35
N ALA C 124 -5.95 13.61 -9.13
CA ALA C 124 -5.01 13.24 -10.18
C ALA C 124 -5.76 12.55 -11.33
N LEU C 125 -6.74 11.72 -10.96
CA LEU C 125 -7.54 11.00 -11.93
C LEU C 125 -8.28 11.99 -12.83
N TYR C 126 -8.90 12.98 -12.20
CA TYR C 126 -9.64 14.00 -12.92
C TYR C 126 -8.72 14.77 -13.87
N CYS C 127 -7.57 15.19 -13.36
CA CYS C 127 -6.61 15.94 -14.17
C CYS C 127 -6.22 15.17 -15.43
N GLU C 128 -5.80 13.93 -15.23
CA GLU C 128 -5.36 13.08 -16.32
C GLU C 128 -6.43 12.74 -17.39
N GLU C 129 -7.68 12.58 -16.96
CA GLU C 129 -8.78 12.25 -17.87
C GLU C 129 -9.29 13.50 -18.56
N LYS C 130 -9.44 14.58 -17.79
CA LYS C 130 -9.92 15.84 -18.33
C LYS C 130 -8.90 16.37 -19.34
N ALA C 131 -7.62 16.22 -19.03
CA ALA C 131 -6.56 16.66 -19.93
C ALA C 131 -6.67 16.00 -21.30
N TYR C 132 -6.85 14.69 -21.34
CA TYR C 132 -6.97 13.98 -22.62
C TYR C 132 -8.27 14.30 -23.35
N TYR C 133 -9.32 14.52 -22.59
CA TYR C 133 -10.59 14.87 -23.19
C TYR C 133 -10.42 16.21 -23.94
N GLU C 134 -9.77 17.18 -23.28
CA GLU C 134 -9.56 18.48 -23.91
C GLU C 134 -8.61 18.42 -25.09
N ALA C 135 -7.49 17.71 -24.91
CA ALA C 135 -6.50 17.56 -25.96
C ALA C 135 -7.03 16.91 -27.22
N TRP C 136 -7.72 15.79 -27.04
CA TRP C 136 -8.28 15.08 -28.18
C TRP C 136 -9.51 15.76 -28.76
N LYS C 137 -10.17 16.59 -27.96
CA LYS C 137 -11.34 17.33 -28.43
C LYS C 137 -10.80 18.40 -29.38
N TRP C 138 -9.66 18.99 -29.01
CA TRP C 138 -9.05 20.02 -29.81
C TRP C 138 -8.75 19.42 -31.17
N VAL C 139 -8.14 18.23 -31.16
CA VAL C 139 -7.79 17.53 -32.37
C VAL C 139 -9.01 17.26 -33.24
N ARG C 140 -10.13 16.83 -32.65
CA ARG C 140 -11.32 16.58 -33.44
C ARG C 140 -11.94 17.87 -33.97
N GLU C 141 -11.71 18.98 -33.28
CA GLU C 141 -12.27 20.26 -33.70
C GLU C 141 -11.42 20.92 -34.76
N ASN C 142 -10.15 20.53 -34.83
CA ASN C 142 -9.25 21.10 -35.81
C ASN C 142 -8.77 20.13 -36.88
N LEU C 143 -9.27 18.90 -36.84
CA LEU C 143 -8.88 17.88 -37.82
C LEU C 143 -9.22 18.33 -39.23
N LYS C 144 -8.21 18.35 -40.09
CA LYS C 144 -8.38 18.77 -41.47
C LYS C 144 -9.15 17.72 -42.28
N GLU C 145 -8.59 16.52 -42.37
CA GLU C 145 -9.22 15.40 -43.08
C GLU C 145 -9.20 14.24 -42.11
N ARG C 146 -9.90 13.15 -42.42
CA ARG C 146 -9.90 12.01 -41.53
C ARG C 146 -8.48 11.48 -41.35
N SER C 147 -8.14 11.20 -40.10
CA SER C 147 -6.82 10.73 -39.72
C SER C 147 -6.66 9.22 -39.75
N PRO C 148 -5.41 8.75 -39.90
CA PRO C 148 -5.08 7.31 -39.93
C PRO C 148 -5.13 6.81 -38.48
N TYR C 149 -5.40 7.74 -37.56
CA TYR C 149 -5.45 7.44 -36.13
C TYR C 149 -6.80 7.86 -35.57
N GLN C 150 -7.81 7.92 -36.45
CA GLN C 150 -9.15 8.34 -36.07
C GLN C 150 -9.71 7.62 -34.84
N GLU C 151 -9.34 6.35 -34.68
CA GLU C 151 -9.82 5.56 -33.54
C GLU C 151 -9.49 6.22 -32.20
N PHE C 152 -8.27 6.75 -32.06
CA PHE C 152 -7.85 7.41 -30.82
C PHE C 152 -8.53 8.75 -30.65
N ILE C 153 -8.62 9.49 -31.74
CA ILE C 153 -9.26 10.80 -31.74
C ILE C 153 -10.70 10.67 -31.23
N ASN C 154 -11.43 9.73 -31.83
CA ASN C 154 -12.82 9.48 -31.49
C ASN C 154 -13.06 8.99 -30.08
N HIS C 155 -12.20 8.11 -29.59
CA HIS C 155 -12.35 7.59 -28.23
C HIS C 155 -12.19 8.63 -27.14
N TRP C 156 -11.13 9.42 -27.20
CA TRP C 156 -10.91 10.42 -26.16
C TRP C 156 -11.70 11.72 -26.31
N SER C 157 -12.30 11.93 -27.49
CA SER C 157 -13.10 13.12 -27.73
C SER C 157 -14.60 12.82 -27.77
N SER C 158 -14.97 11.55 -27.66
CA SER C 158 -16.38 11.14 -27.71
C SER C 158 -17.28 11.66 -26.61
N GLN C 159 -18.58 11.66 -26.88
CA GLN C 159 -19.59 12.08 -25.91
C GLN C 159 -19.48 11.16 -24.69
N GLU C 160 -19.24 9.88 -24.95
CA GLU C 160 -19.13 8.86 -23.91
C GLU C 160 -17.98 9.18 -22.93
N PHE C 161 -16.81 9.50 -23.46
CA PHE C 161 -15.67 9.82 -22.60
C PHE C 161 -15.94 11.14 -21.88
N GLY C 162 -16.59 12.06 -22.60
CA GLY C 162 -16.92 13.35 -22.02
C GLY C 162 -17.84 13.20 -20.83
N GLU C 163 -18.75 12.22 -20.91
CA GLU C 163 -19.69 11.96 -19.82
C GLU C 163 -18.92 11.37 -18.63
N TYR C 164 -17.95 10.51 -18.95
CA TYR C 164 -17.10 9.87 -17.96
C TYR C 164 -16.35 10.96 -17.18
N VAL C 165 -15.77 11.91 -17.90
CA VAL C 165 -15.04 13.02 -17.30
C VAL C 165 -15.97 13.84 -16.41
N LYS C 166 -17.15 14.15 -16.92
CA LYS C 166 -18.14 14.91 -16.18
C LYS C 166 -18.52 14.16 -14.88
N ARG C 167 -18.67 12.84 -14.97
CA ARG C 167 -19.01 12.01 -13.83
C ARG C 167 -17.92 12.13 -12.77
N ILE C 168 -16.65 12.07 -13.20
CA ILE C 168 -15.52 12.20 -12.30
C ILE C 168 -15.56 13.58 -11.65
N GLU C 169 -15.80 14.59 -12.48
CA GLU C 169 -15.87 15.97 -12.04
C GLU C 169 -16.87 16.20 -10.91
N LYS C 170 -18.07 15.65 -11.07
CA LYS C 170 -19.14 15.79 -10.08
C LYS C 170 -18.73 15.22 -8.72
N ILE C 171 -18.14 14.02 -8.75
CA ILE C 171 -17.66 13.33 -7.55
C ILE C 171 -16.53 14.14 -6.92
N LEU C 172 -15.59 14.59 -7.73
CA LEU C 172 -14.48 15.40 -7.22
C LEU C 172 -15.01 16.64 -6.47
N ASN C 173 -15.91 17.39 -7.10
CA ASN C 173 -16.48 18.58 -6.48
C ASN C 173 -17.20 18.29 -5.16
N SER C 174 -17.89 17.16 -5.09
CA SER C 174 -18.60 16.79 -3.85
C SER C 174 -17.58 16.51 -2.77
N LEU C 175 -16.56 15.73 -3.10
CA LEU C 175 -15.50 15.37 -2.15
C LEU C 175 -14.80 16.62 -1.62
N ALA C 176 -14.45 17.53 -2.53
CA ALA C 176 -13.76 18.75 -2.14
C ALA C 176 -14.55 19.60 -1.15
N GLU C 177 -15.86 19.67 -1.38
CA GLU C 177 -16.76 20.45 -0.54
C GLU C 177 -16.67 20.06 0.93
N LYS C 178 -16.46 18.78 1.20
CA LYS C 178 -16.37 18.31 2.59
C LYS C 178 -14.93 18.17 3.10
N HIS C 179 -14.01 18.88 2.47
CA HIS C 179 -12.62 18.85 2.88
C HIS C 179 -12.17 20.26 3.21
N GLY C 180 -11.05 20.36 3.91
CA GLY C 180 -10.52 21.65 4.31
C GLY C 180 -9.34 22.13 3.48
N GLU C 181 -9.11 23.44 3.59
CA GLU C 181 -8.04 24.13 2.90
C GLU C 181 -6.72 23.37 2.79
N PHE C 182 -6.27 22.84 3.92
CA PHE C 182 -5.03 22.09 3.96
C PHE C 182 -5.05 20.93 2.99
N GLU C 183 -6.10 20.12 3.08
CA GLU C 183 -6.25 18.95 2.21
C GLU C 183 -6.45 19.37 0.74
N LYS C 184 -7.25 20.40 0.52
CA LYS C 184 -7.49 20.90 -0.84
C LYS C 184 -6.20 21.40 -1.46
N GLU C 185 -5.39 22.11 -0.68
CA GLU C 185 -4.12 22.63 -1.19
C GLU C 185 -3.17 21.53 -1.64
N ARG C 186 -3.22 20.39 -0.95
CA ARG C 186 -2.40 19.22 -1.28
C ARG C 186 -2.89 18.73 -2.64
N ALA C 187 -4.21 18.62 -2.79
CA ALA C 187 -4.80 18.17 -4.05
C ALA C 187 -4.46 19.15 -5.16
N ARG C 188 -4.60 20.45 -4.89
CA ARG C 188 -4.29 21.48 -5.88
C ARG C 188 -2.87 21.26 -6.42
N GLU C 189 -1.95 20.98 -5.51
CA GLU C 189 -0.55 20.74 -5.87
C GLU C 189 -0.38 19.48 -6.73
N VAL C 190 -1.18 18.45 -6.45
CA VAL C 190 -1.12 17.22 -7.24
C VAL C 190 -1.63 17.52 -8.64
N PHE C 191 -2.69 18.32 -8.72
CA PHE C 191 -3.29 18.69 -10.00
C PHE C 191 -2.27 19.46 -10.83
N LYS C 192 -1.52 20.32 -10.16
CA LYS C 192 -0.50 21.10 -10.82
C LYS C 192 0.62 20.18 -11.35
N GLU C 193 1.06 19.25 -10.51
CA GLU C 193 2.13 18.33 -10.88
C GLU C 193 1.73 17.39 -12.02
N VAL C 194 0.49 16.89 -11.98
CA VAL C 194 0.00 16.02 -13.04
C VAL C 194 -0.11 16.81 -14.34
N SER C 195 -0.46 18.09 -14.24
CA SER C 195 -0.59 18.97 -15.41
C SER C 195 0.72 19.10 -16.15
N LYS C 196 1.81 19.24 -15.40
CA LYS C 196 3.14 19.36 -15.99
C LYS C 196 3.51 18.04 -16.66
N PHE C 197 3.12 16.92 -16.04
CA PHE C 197 3.41 15.61 -16.61
C PHE C 197 2.69 15.44 -17.95
N GLU C 198 1.42 15.84 -17.99
CA GLU C 198 0.60 15.79 -19.20
C GLU C 198 1.23 16.61 -20.35
N LEU C 199 1.75 17.78 -19.98
CA LEU C 199 2.40 18.67 -20.94
C LEU C 199 3.72 18.08 -21.46
N ILE C 200 4.49 17.51 -20.55
CA ILE C 200 5.79 16.92 -20.88
C ILE C 200 5.64 15.63 -21.71
N PHE C 201 4.58 14.87 -21.48
CA PHE C 201 4.37 13.61 -22.19
C PHE C 201 4.33 13.76 -23.70
N TRP C 202 3.69 14.82 -24.17
CA TRP C 202 3.58 15.06 -25.60
C TRP C 202 4.94 15.14 -26.28
N ASP C 203 5.97 15.56 -25.56
CA ASP C 203 7.33 15.67 -26.10
C ASP C 203 8.02 14.32 -26.36
N ILE C 204 7.56 13.26 -25.72
CA ILE C 204 8.15 11.93 -25.90
C ILE C 204 8.21 11.48 -27.36
N ALA C 205 7.17 11.81 -28.13
CA ALA C 205 7.11 11.45 -29.55
C ALA C 205 8.34 11.94 -30.32
N TYR C 206 8.87 13.08 -29.92
CA TYR C 206 10.02 13.67 -30.59
C TYR C 206 11.35 13.34 -29.92
N GLY C 207 11.31 12.41 -28.96
CA GLY C 207 12.50 11.97 -28.26
C GLY C 207 13.33 11.17 -29.25
N GLY C 208 14.64 11.12 -29.03
CA GLY C 208 15.51 10.42 -29.95
C GLY C 208 15.60 11.26 -31.20
N MSE D 1 1.06 -29.62 -10.28
CA MSE D 1 -0.03 -28.60 -10.38
C MSE D 1 -0.42 -28.07 -9.01
O MSE D 1 -1.09 -28.74 -8.23
CB MSE D 1 -1.23 -29.21 -11.09
CG MSE D 1 -2.32 -28.23 -11.40
SE MSE D 1 -3.26 -28.81 -12.95
CE MSE D 1 -2.11 -28.04 -14.29
N PHE D 2 0.00 -26.84 -8.75
CA PHE D 2 -0.24 -26.14 -7.48
C PHE D 2 -1.68 -26.20 -7.00
N SER D 3 -2.62 -25.94 -7.90
CA SER D 3 -4.03 -25.95 -7.55
C SER D 3 -4.48 -27.27 -6.99
N GLU D 4 -4.14 -28.37 -7.67
CA GLU D 4 -4.52 -29.70 -7.19
C GLU D 4 -3.98 -29.88 -5.78
N GLU D 5 -2.70 -29.57 -5.61
CA GLU D 5 -2.01 -29.67 -4.32
C GLU D 5 -2.68 -28.91 -3.19
N LEU D 6 -2.99 -27.64 -3.42
CA LEU D 6 -3.64 -26.79 -2.42
C LEU D 6 -4.91 -27.43 -1.88
N ILE D 7 -5.71 -27.98 -2.80
CA ILE D 7 -6.97 -28.62 -2.47
C ILE D 7 -6.83 -29.88 -1.61
N LYS D 8 -5.77 -30.64 -1.85
CA LYS D 8 -5.51 -31.90 -1.14
C LYS D 8 -5.23 -31.76 0.35
N GLU D 9 -4.21 -30.96 0.68
CA GLU D 9 -3.80 -30.73 2.06
C GLU D 9 -4.82 -29.92 2.87
N ASN D 10 -5.94 -29.57 2.24
CA ASN D 10 -6.99 -28.82 2.92
C ASN D 10 -8.35 -29.45 2.69
N GLU D 11 -8.35 -30.60 2.04
CA GLU D 11 -9.57 -31.37 1.74
C GLU D 11 -10.27 -31.64 3.07
N ASN D 12 -9.46 -31.71 4.11
CA ASN D 12 -9.92 -31.96 5.46
C ASN D 12 -10.82 -30.82 5.92
N ILE D 13 -10.37 -29.58 5.68
CA ILE D 13 -11.15 -28.39 6.03
C ILE D 13 -12.35 -28.26 5.09
N TRP D 14 -12.08 -28.34 3.79
CA TRP D 14 -13.14 -28.21 2.77
C TRP D 14 -14.27 -29.22 2.95
N ARG D 15 -13.92 -30.43 3.39
CA ARG D 15 -14.90 -31.48 3.62
C ARG D 15 -15.93 -31.02 4.65
N ARG D 16 -15.55 -30.09 5.52
CA ARG D 16 -16.45 -29.56 6.55
C ARG D 16 -17.50 -28.56 6.06
N PHE D 17 -17.33 -27.99 4.86
CA PHE D 17 -18.34 -27.09 4.32
C PHE D 17 -18.91 -27.61 3.00
N LEU D 18 -18.61 -28.88 2.73
CA LEU D 18 -19.10 -29.57 1.54
C LEU D 18 -19.82 -30.86 1.95
N PRO D 19 -21.03 -30.74 2.52
CA PRO D 19 -21.75 -29.50 2.82
C PRO D 19 -21.63 -29.04 4.28
N HIS D 20 -22.04 -27.80 4.50
CA HIS D 20 -22.06 -27.20 5.83
C HIS D 20 -23.54 -27.15 6.19
N LYS D 21 -23.84 -26.95 7.47
CA LYS D 21 -25.21 -26.90 7.95
C LYS D 21 -26.09 -25.94 7.15
N PHE D 22 -25.52 -24.81 6.77
CA PHE D 22 -26.24 -23.78 6.01
C PHE D 22 -26.63 -24.24 4.61
N LEU D 23 -25.77 -25.08 4.01
CA LEU D 23 -25.99 -25.58 2.66
C LEU D 23 -26.97 -26.73 2.62
N ILE D 24 -26.93 -27.58 3.64
CA ILE D 24 -27.84 -28.71 3.76
C ILE D 24 -29.23 -28.11 3.83
N GLU D 25 -29.37 -27.13 4.71
CA GLU D 25 -30.64 -26.45 4.89
C GLU D 25 -31.08 -25.82 3.58
N MSE D 26 -30.18 -25.06 2.94
CA MSE D 26 -30.46 -24.42 1.65
C MSE D 26 -31.07 -25.39 0.65
O MSE D 26 -32.08 -25.09 0.01
CB MSE D 26 -29.19 -23.84 1.04
CG MSE D 26 -28.67 -22.56 1.66
SE MSE D 26 -29.75 -21.01 1.30
CE MSE D 26 -30.01 -21.23 -0.59
N ALA D 27 -30.44 -26.55 0.53
CA ALA D 27 -30.84 -27.60 -0.39
C ALA D 27 -32.20 -28.23 -0.10
N GLU D 28 -32.47 -28.52 1.16
CA GLU D 28 -33.75 -29.12 1.57
C GLU D 28 -34.74 -28.04 1.97
N ASN D 29 -34.38 -26.78 1.71
CA ASN D 29 -35.20 -25.64 2.10
C ASN D 29 -35.85 -25.89 3.46
N THR D 30 -35.00 -26.14 4.43
CA THR D 30 -35.38 -26.22 5.81
C THR D 30 -34.99 -24.87 6.33
N ILE D 31 -33.90 -24.44 5.72
CA ILE D 31 -33.29 -23.15 6.02
C ILE D 31 -34.33 -22.03 6.30
N LYS D 32 -34.18 -21.51 7.56
CA LYS D 32 -35.00 -20.48 8.22
C LYS D 32 -34.69 -19.03 7.73
N LYS D 33 -35.56 -18.06 8.00
CA LYS D 33 -35.37 -16.69 7.52
C LYS D 33 -34.24 -15.95 8.20
N GLU D 34 -34.40 -15.75 9.51
CA GLU D 34 -33.44 -15.06 10.35
C GLU D 34 -31.99 -15.45 9.99
N ASN D 35 -31.81 -16.71 9.61
CA ASN D 35 -30.51 -17.24 9.24
C ASN D 35 -30.02 -16.72 7.88
N PHE D 36 -30.87 -16.76 6.87
CA PHE D 36 -30.47 -16.27 5.55
C PHE D 36 -30.19 -14.77 5.60
N GLU D 37 -31.08 -14.03 6.24
CA GLU D 37 -30.94 -12.59 6.35
C GLU D 37 -29.59 -12.21 6.95
N LYS D 38 -29.16 -12.95 7.96
CA LYS D 38 -27.90 -12.68 8.62
C LYS D 38 -26.74 -12.93 7.66
N TRP D 39 -26.82 -14.03 6.93
CA TRP D 39 -25.79 -14.37 5.96
C TRP D 39 -25.74 -13.31 4.86
N LEU D 40 -26.91 -12.82 4.46
CA LEU D 40 -26.99 -11.83 3.40
C LEU D 40 -26.27 -10.53 3.72
N VAL D 41 -26.59 -9.91 4.84
CA VAL D 41 -25.97 -8.64 5.22
C VAL D 41 -24.45 -8.75 5.43
N ASN D 42 -24.02 -9.90 5.94
CA ASN D 42 -22.59 -10.11 6.19
C ASN D 42 -21.82 -10.43 4.93
N ASP D 43 -22.39 -11.25 4.06
CA ASP D 43 -21.72 -11.60 2.84
C ASP D 43 -21.71 -10.41 1.90
N TYR D 44 -22.69 -9.53 2.04
CA TYR D 44 -22.77 -8.34 1.21
C TYR D 44 -21.56 -7.48 1.50
N TYR D 45 -21.25 -7.40 2.79
CA TYR D 45 -20.12 -6.66 3.31
C TYR D 45 -18.82 -7.30 2.81
N PHE D 46 -18.78 -8.63 2.75
CA PHE D 46 -17.58 -9.34 2.28
C PHE D 46 -17.32 -9.04 0.80
N VAL D 47 -18.36 -9.15 -0.02
CA VAL D 47 -18.28 -8.89 -1.46
C VAL D 47 -17.72 -7.49 -1.76
N LYS D 48 -18.17 -6.50 -0.99
CA LYS D 48 -17.70 -5.12 -1.16
C LYS D 48 -16.20 -5.04 -0.94
N ASN D 49 -15.73 -5.68 0.11
CA ASN D 49 -14.31 -5.70 0.43
C ASN D 49 -13.52 -6.68 -0.44
N ALA D 50 -14.20 -7.68 -1.01
CA ALA D 50 -13.54 -8.64 -1.88
C ALA D 50 -13.18 -7.91 -3.19
N LEU D 51 -13.91 -6.86 -3.49
CA LEU D 51 -13.72 -6.02 -4.67
C LEU D 51 -12.49 -5.12 -4.45
N ARG D 52 -12.33 -4.67 -3.20
CA ARG D 52 -11.17 -3.85 -2.84
C ARG D 52 -9.95 -4.74 -2.86
N PHE D 53 -10.14 -5.97 -2.39
CA PHE D 53 -9.09 -6.97 -2.34
C PHE D 53 -8.59 -7.28 -3.76
N MSE D 54 -9.53 -7.41 -4.70
CA MSE D 54 -9.20 -7.68 -6.09
C MSE D 54 -8.52 -6.50 -6.73
O MSE D 54 -7.61 -6.67 -7.52
CB MSE D 54 -10.47 -8.05 -6.88
CG MSE D 54 -11.06 -9.39 -6.49
SE MSE D 54 -12.84 -9.60 -7.25
CE MSE D 54 -12.29 -9.98 -9.06
N ALA D 55 -8.95 -5.30 -6.37
CA ALA D 55 -8.38 -4.08 -6.91
C ALA D 55 -6.95 -3.91 -6.41
N LEU D 56 -6.69 -4.36 -5.19
CA LEU D 56 -5.34 -4.27 -4.68
C LEU D 56 -4.46 -5.25 -5.44
N LEU D 57 -5.00 -6.42 -5.74
CA LEU D 57 -4.26 -7.43 -6.47
C LEU D 57 -3.94 -6.92 -7.86
N MSE D 58 -4.93 -6.33 -8.52
CA MSE D 58 -4.73 -5.78 -9.85
C MSE D 58 -3.56 -4.78 -9.91
O MSE D 58 -2.81 -4.76 -10.89
CB MSE D 58 -6.01 -5.12 -10.35
CG MSE D 58 -5.88 -4.33 -11.64
SE MSE D 58 -7.55 -3.71 -12.37
CE MSE D 58 -6.92 -3.35 -14.18
N ALA D 59 -3.42 -3.96 -8.87
CA ALA D 59 -2.37 -2.94 -8.82
C ALA D 59 -0.97 -3.53 -8.84
N LYS D 60 -0.84 -4.75 -8.33
CA LYS D 60 0.45 -5.43 -8.29
C LYS D 60 0.56 -6.49 -9.39
N ALA D 61 -0.50 -6.64 -10.17
CA ALA D 61 -0.54 -7.65 -11.22
C ALA D 61 0.32 -7.43 -12.45
N PRO D 62 0.86 -8.52 -13.02
CA PRO D 62 1.69 -8.48 -14.23
C PRO D 62 0.85 -7.87 -15.34
N ASP D 63 1.49 -7.20 -16.31
CA ASP D 63 0.78 -6.59 -17.42
C ASP D 63 -0.27 -7.52 -18.06
N ASP D 64 0.14 -8.74 -18.40
CA ASP D 64 -0.76 -9.69 -19.05
C ASP D 64 -1.98 -10.16 -18.25
N LEU D 65 -2.08 -9.75 -17.00
CA LEU D 65 -3.24 -10.11 -16.18
C LEU D 65 -4.20 -8.94 -16.00
N LEU D 66 -3.81 -7.77 -16.52
CA LEU D 66 -4.64 -6.58 -16.39
C LEU D 66 -6.06 -6.72 -16.99
N PRO D 67 -6.16 -7.22 -18.23
CA PRO D 67 -7.49 -7.39 -18.83
C PRO D 67 -8.31 -8.31 -17.95
N PHE D 68 -7.69 -9.39 -17.50
CA PHE D 68 -8.36 -10.35 -16.63
C PHE D 68 -8.96 -9.68 -15.39
N PHE D 69 -8.14 -8.94 -14.64
CA PHE D 69 -8.64 -8.25 -13.44
C PHE D 69 -9.76 -7.26 -13.73
N ALA D 70 -9.61 -6.48 -14.79
CA ALA D 70 -10.63 -5.49 -15.13
C ALA D 70 -11.98 -6.14 -15.44
N GLU D 71 -11.96 -7.26 -16.14
CA GLU D 71 -13.17 -7.99 -16.50
C GLU D 71 -13.73 -8.68 -15.27
N SER D 72 -12.84 -9.29 -14.50
CA SER D 72 -13.24 -9.98 -13.30
C SER D 72 -13.83 -9.03 -12.25
N ILE D 73 -13.20 -7.88 -12.04
CA ILE D 73 -13.73 -6.92 -11.06
C ILE D 73 -15.12 -6.45 -11.50
N TYR D 74 -15.26 -6.16 -12.79
CA TYR D 74 -16.53 -5.72 -13.32
C TYR D 74 -17.57 -6.83 -13.13
N TYR D 75 -17.16 -8.07 -13.43
CA TYR D 75 -18.04 -9.22 -13.28
C TYR D 75 -18.47 -9.40 -11.83
N ILE D 76 -17.51 -9.45 -10.90
CA ILE D 76 -17.83 -9.60 -9.48
C ILE D 76 -18.62 -8.41 -8.95
N SER D 77 -18.39 -7.23 -9.52
CA SER D 77 -19.11 -6.02 -9.12
C SER D 77 -20.63 -6.14 -9.31
N LYS D 78 -21.06 -7.01 -10.23
CA LYS D 78 -22.47 -7.22 -10.48
C LYS D 78 -23.15 -7.91 -9.29
N GLU D 79 -22.38 -8.71 -8.55
CA GLU D 79 -22.91 -9.42 -7.37
C GLU D 79 -23.56 -8.45 -6.41
N LEU D 80 -23.03 -7.23 -6.35
CA LEU D 80 -23.56 -6.20 -5.46
C LEU D 80 -25.02 -6.01 -5.80
N GLU D 81 -25.29 -5.76 -7.09
CA GLU D 81 -26.65 -5.54 -7.59
C GLU D 81 -27.57 -6.67 -7.17
N MSE D 82 -27.08 -7.90 -7.29
CA MSE D 82 -27.83 -9.11 -6.94
C MSE D 82 -28.28 -9.04 -5.48
O MSE D 82 -29.44 -9.33 -5.16
CB MSE D 82 -26.95 -10.33 -7.17
CG MSE D 82 -27.61 -11.67 -6.95
SE MSE D 82 -26.32 -13.07 -7.20
CE MSE D 82 -26.46 -13.22 -9.12
N PHE D 83 -27.37 -8.64 -4.61
CA PHE D 83 -27.62 -8.51 -3.18
C PHE D 83 -28.59 -7.38 -2.84
N GLU D 84 -28.50 -6.29 -3.59
CA GLU D 84 -29.36 -5.13 -3.36
C GLU D 84 -30.74 -5.24 -4.00
N LYS D 85 -30.92 -6.28 -4.81
CA LYS D 85 -32.18 -6.50 -5.49
C LYS D 85 -32.98 -7.42 -4.60
N LYS D 86 -32.31 -8.47 -4.15
CA LYS D 86 -32.89 -9.47 -3.26
C LYS D 86 -33.18 -8.88 -1.89
N ALA D 87 -32.69 -7.66 -1.66
CA ALA D 87 -32.87 -6.97 -0.38
C ALA D 87 -34.04 -6.02 -0.45
N GLN D 88 -34.38 -5.61 -1.67
CA GLN D 88 -35.53 -4.77 -1.90
C GLN D 88 -36.68 -5.72 -2.27
N GLU D 89 -36.31 -7.02 -2.35
CA GLU D 89 -37.20 -8.16 -2.64
C GLU D 89 -37.73 -8.69 -1.30
N LEU D 90 -36.92 -8.55 -0.25
CA LEU D 90 -37.27 -9.03 1.09
C LEU D 90 -37.44 -7.92 2.13
N GLY D 91 -37.44 -6.68 1.67
CA GLY D 91 -37.58 -5.54 2.56
C GLY D 91 -36.61 -5.59 3.73
N ILE D 92 -35.38 -5.99 3.44
CA ILE D 92 -34.32 -6.10 4.44
C ILE D 92 -33.25 -5.01 4.27
N SER D 93 -32.65 -4.59 5.39
CA SER D 93 -31.62 -3.56 5.38
C SER D 93 -30.21 -4.15 5.41
N LEU D 94 -29.36 -3.64 4.54
CA LEU D 94 -27.97 -4.08 4.45
C LEU D 94 -27.03 -3.27 5.35
N ASN D 95 -27.41 -2.02 5.61
CA ASN D 95 -26.62 -1.12 6.44
C ASN D 95 -26.76 -1.46 7.92
N GLY D 96 -26.99 -2.73 8.21
CA GLY D 96 -27.13 -3.19 9.59
C GLY D 96 -25.83 -3.52 10.28
N GLU D 97 -25.90 -4.33 11.33
CA GLU D 97 -24.74 -4.73 12.10
C GLU D 97 -23.94 -5.85 11.43
N ILE D 98 -22.63 -5.68 11.42
CA ILE D 98 -21.70 -6.62 10.81
C ILE D 98 -21.07 -7.55 11.86
N ASP D 99 -21.09 -8.85 11.60
CA ASP D 99 -20.51 -9.80 12.53
C ASP D 99 -18.98 -9.70 12.57
N TRP D 100 -18.42 -10.01 13.73
CA TRP D 100 -16.97 -9.95 13.93
C TRP D 100 -16.20 -10.94 13.05
N ARG D 101 -16.76 -12.12 12.85
CA ARG D 101 -16.12 -13.13 12.01
C ARG D 101 -15.90 -12.64 10.59
N ALA D 102 -16.83 -11.82 10.09
CA ALA D 102 -16.74 -11.27 8.74
C ALA D 102 -15.63 -10.24 8.60
N LYS D 103 -15.54 -9.32 9.55
CA LYS D 103 -14.51 -8.29 9.52
C LYS D 103 -13.13 -8.94 9.60
N SER D 104 -13.06 -10.01 10.38
CA SER D 104 -11.81 -10.75 10.56
C SER D 104 -11.29 -11.28 9.21
N TYR D 105 -12.21 -11.83 8.42
CA TYR D 105 -11.93 -12.39 7.11
C TYR D 105 -11.56 -11.28 6.13
N VAL D 106 -12.36 -10.22 6.13
CA VAL D 106 -12.13 -9.07 5.27
C VAL D 106 -10.76 -8.48 5.50
N ASN D 107 -10.49 -8.15 6.75
CA ASN D 107 -9.21 -7.56 7.13
C ASN D 107 -8.03 -8.48 6.82
N TYR D 108 -8.20 -9.79 6.99
CA TYR D 108 -7.11 -10.71 6.65
C TYR D 108 -6.82 -10.56 5.14
N LEU D 109 -7.87 -10.62 4.33
CA LEU D 109 -7.72 -10.50 2.87
C LEU D 109 -7.01 -9.21 2.48
N LEU D 110 -7.46 -8.09 3.04
CA LEU D 110 -6.86 -6.80 2.72
C LEU D 110 -5.37 -6.75 3.07
N SER D 111 -5.00 -7.34 4.20
CA SER D 111 -3.62 -7.38 4.65
C SER D 111 -2.76 -8.20 3.70
N VAL D 112 -3.29 -9.32 3.22
CA VAL D 112 -2.55 -10.16 2.30
C VAL D 112 -2.32 -9.41 0.98
N ALA D 113 -3.35 -8.79 0.45
CA ALA D 113 -3.20 -8.06 -0.80
C ALA D 113 -2.20 -6.91 -0.66
N SER D 114 -2.24 -6.24 0.49
CA SER D 114 -1.38 -5.10 0.76
C SER D 114 0.08 -5.44 1.01
N LEU D 115 0.32 -6.34 1.94
CA LEU D 115 1.69 -6.69 2.34
C LEU D 115 2.24 -8.00 1.84
N GLY D 116 1.37 -8.87 1.34
CA GLY D 116 1.86 -10.15 0.84
C GLY D 116 2.35 -10.13 -0.60
N SER D 117 2.99 -11.20 -1.03
CA SER D 117 3.47 -11.31 -2.42
C SER D 117 2.23 -11.44 -3.32
N PHE D 118 2.42 -11.30 -4.63
CA PHE D 118 1.29 -11.45 -5.57
C PHE D 118 0.75 -12.89 -5.57
N LEU D 119 1.65 -13.86 -5.39
CA LEU D 119 1.30 -15.28 -5.37
C LEU D 119 0.33 -15.56 -4.24
N GLU D 120 0.68 -15.09 -3.05
CA GLU D 120 -0.15 -15.26 -1.86
C GLU D 120 -1.52 -14.66 -2.09
N GLY D 121 -1.53 -13.48 -2.70
CA GLY D 121 -2.77 -12.78 -2.98
C GLY D 121 -3.62 -13.49 -4.01
N PHE D 122 -3.02 -13.88 -5.12
CA PHE D 122 -3.77 -14.57 -6.16
C PHE D 122 -4.23 -15.92 -5.62
N THR D 123 -3.36 -16.56 -4.83
CA THR D 123 -3.68 -17.83 -4.20
C THR D 123 -4.96 -17.68 -3.35
N ALA D 124 -5.08 -16.57 -2.61
CA ALA D 124 -6.27 -16.34 -1.78
C ALA D 124 -7.54 -16.14 -2.64
N LEU D 125 -7.38 -15.48 -3.77
CA LEU D 125 -8.49 -15.25 -4.69
C LEU D 125 -9.00 -16.59 -5.19
N TYR D 126 -8.08 -17.46 -5.60
CA TYR D 126 -8.46 -18.76 -6.08
C TYR D 126 -9.21 -19.53 -5.02
N CYS D 127 -8.67 -19.54 -3.81
CA CYS D 127 -9.29 -20.25 -2.69
C CYS D 127 -10.74 -19.81 -2.48
N GLU D 128 -10.91 -18.52 -2.21
CA GLU D 128 -12.23 -17.94 -1.98
C GLU D 128 -13.25 -18.17 -3.09
N GLU D 129 -12.85 -18.02 -4.34
CA GLU D 129 -13.76 -18.22 -5.47
C GLU D 129 -14.08 -19.69 -5.67
N LYS D 130 -13.05 -20.54 -5.62
CA LYS D 130 -13.17 -21.98 -5.78
C LYS D 130 -13.97 -22.60 -4.63
N ALA D 131 -13.98 -21.93 -3.48
CA ALA D 131 -14.68 -22.42 -2.32
C ALA D 131 -16.18 -22.22 -2.47
N TYR D 132 -16.56 -21.07 -3.04
CA TYR D 132 -17.97 -20.78 -3.25
C TYR D 132 -18.53 -21.55 -4.42
N TYR D 133 -17.69 -21.83 -5.41
CA TYR D 133 -18.10 -22.58 -6.59
C TYR D 133 -18.50 -23.99 -6.13
N GLU D 134 -17.63 -24.62 -5.35
CA GLU D 134 -17.86 -25.96 -4.85
C GLU D 134 -19.02 -26.06 -3.90
N ALA D 135 -19.08 -25.14 -2.94
CA ALA D 135 -20.15 -25.13 -1.96
C ALA D 135 -21.47 -24.99 -2.69
N TRP D 136 -21.54 -24.00 -3.57
CA TRP D 136 -22.75 -23.77 -4.32
C TRP D 136 -23.02 -24.82 -5.40
N LYS D 137 -21.99 -25.58 -5.79
CA LYS D 137 -22.15 -26.65 -6.78
C LYS D 137 -22.97 -27.71 -6.06
N TRP D 138 -22.56 -27.96 -4.81
CA TRP D 138 -23.20 -28.94 -3.95
C TRP D 138 -24.66 -28.62 -3.73
N VAL D 139 -24.98 -27.37 -3.46
CA VAL D 139 -26.36 -26.97 -3.25
C VAL D 139 -27.20 -27.22 -4.49
N ARG D 140 -26.60 -26.97 -5.67
CA ARG D 140 -27.31 -27.16 -6.93
C ARG D 140 -27.61 -28.64 -7.17
N GLU D 141 -26.56 -29.46 -7.11
CA GLU D 141 -26.65 -30.89 -7.34
C GLU D 141 -27.47 -31.64 -6.29
N ASN D 142 -27.67 -31.03 -5.12
CA ASN D 142 -28.44 -31.66 -4.07
C ASN D 142 -29.77 -30.95 -3.74
N LEU D 143 -30.22 -30.07 -4.62
CA LEU D 143 -31.48 -29.33 -4.41
C LEU D 143 -32.73 -30.22 -4.50
N LYS D 144 -33.67 -29.99 -3.58
CA LYS D 144 -34.94 -30.74 -3.51
C LYS D 144 -36.07 -29.97 -4.17
N GLU D 145 -36.56 -28.98 -3.43
CA GLU D 145 -37.68 -28.14 -3.83
C GLU D 145 -37.24 -26.84 -4.50
N ARG D 146 -38.01 -25.77 -4.27
CA ARG D 146 -37.74 -24.44 -4.81
C ARG D 146 -37.14 -23.60 -3.71
N SER D 147 -36.03 -22.93 -4.00
CA SER D 147 -35.39 -22.09 -3.00
C SER D 147 -35.65 -20.65 -3.37
N PRO D 148 -36.24 -19.87 -2.43
CA PRO D 148 -36.52 -18.47 -2.72
C PRO D 148 -35.20 -17.70 -2.85
N TYR D 149 -34.11 -18.43 -3.10
CA TYR D 149 -32.78 -17.87 -3.25
C TYR D 149 -32.07 -18.49 -4.45
N GLN D 150 -32.86 -18.98 -5.41
CA GLN D 150 -32.32 -19.62 -6.61
C GLN D 150 -31.32 -18.74 -7.35
N GLU D 151 -31.48 -17.42 -7.27
CA GLU D 151 -30.58 -16.47 -7.95
C GLU D 151 -29.14 -16.66 -7.49
N PHE D 152 -28.95 -16.77 -6.19
CA PHE D 152 -27.62 -16.95 -5.64
C PHE D 152 -27.07 -18.31 -6.01
N ILE D 153 -27.94 -19.31 -6.00
CA ILE D 153 -27.52 -20.66 -6.37
C ILE D 153 -27.15 -20.70 -7.84
N ASN D 154 -27.89 -19.95 -8.66
CA ASN D 154 -27.68 -19.89 -10.11
C ASN D 154 -26.41 -19.19 -10.54
N HIS D 155 -25.97 -18.24 -9.72
CA HIS D 155 -24.77 -17.47 -10.02
C HIS D 155 -23.47 -18.18 -9.68
N TRP D 156 -23.32 -18.58 -8.41
CA TRP D 156 -22.10 -19.24 -7.96
C TRP D 156 -21.91 -20.69 -8.43
N SER D 157 -22.95 -21.27 -9.04
CA SER D 157 -22.85 -22.63 -9.56
C SER D 157 -22.91 -22.65 -11.09
N SER D 158 -23.14 -21.49 -11.69
CA SER D 158 -23.22 -21.35 -13.14
C SER D 158 -21.94 -21.75 -13.89
N GLN D 159 -22.10 -22.12 -15.15
CA GLN D 159 -20.98 -22.51 -16.00
C GLN D 159 -20.06 -21.30 -16.12
N GLU D 160 -20.67 -20.11 -16.18
CA GLU D 160 -19.93 -18.86 -16.29
C GLU D 160 -18.99 -18.66 -15.10
N PHE D 161 -19.51 -18.82 -13.89
CA PHE D 161 -18.68 -18.67 -12.70
C PHE D 161 -17.64 -19.78 -12.66
N GLY D 162 -18.02 -20.94 -13.19
CA GLY D 162 -17.10 -22.06 -13.22
C GLY D 162 -15.96 -21.81 -14.18
N GLU D 163 -16.24 -21.06 -15.25
CA GLU D 163 -15.22 -20.74 -16.23
C GLU D 163 -14.26 -19.73 -15.63
N TYR D 164 -14.85 -18.77 -14.91
CA TYR D 164 -14.12 -17.73 -14.19
C TYR D 164 -13.16 -18.41 -13.22
N VAL D 165 -13.66 -19.42 -12.51
CA VAL D 165 -12.86 -20.16 -11.54
C VAL D 165 -11.73 -20.91 -12.22
N LYS D 166 -12.05 -21.53 -13.36
CA LYS D 166 -11.06 -22.29 -14.13
C LYS D 166 -9.97 -21.36 -14.71
N ARG D 167 -10.38 -20.15 -15.09
CA ARG D 167 -9.44 -19.19 -15.63
C ARG D 167 -8.43 -18.78 -14.54
N ILE D 168 -8.93 -18.59 -13.32
CA ILE D 168 -8.11 -18.22 -12.17
C ILE D 168 -7.11 -19.35 -11.88
N GLU D 169 -7.62 -20.58 -11.90
CA GLU D 169 -6.83 -21.76 -11.64
C GLU D 169 -5.65 -21.87 -12.61
N LYS D 170 -5.92 -21.66 -13.89
CA LYS D 170 -4.90 -21.74 -14.93
C LYS D 170 -3.82 -20.68 -14.72
N ILE D 171 -4.22 -19.45 -14.41
CA ILE D 171 -3.27 -18.38 -14.15
C ILE D 171 -2.44 -18.71 -12.92
N LEU D 172 -3.10 -19.19 -11.86
CA LEU D 172 -2.42 -19.55 -10.61
C LEU D 172 -1.36 -20.61 -10.79
N ASN D 173 -1.70 -21.64 -11.57
CA ASN D 173 -0.77 -22.72 -11.80
C ASN D 173 0.47 -22.25 -12.52
N SER D 174 0.30 -21.33 -13.46
CA SER D 174 1.42 -20.79 -14.24
C SER D 174 2.32 -19.93 -13.35
N LEU D 175 1.71 -19.17 -12.45
CA LEU D 175 2.45 -18.31 -11.55
C LEU D 175 3.31 -19.17 -10.64
N ALA D 176 2.67 -20.12 -9.98
CA ALA D 176 3.36 -21.02 -9.07
C ALA D 176 4.55 -21.73 -9.69
N GLU D 177 4.41 -22.11 -10.95
CA GLU D 177 5.48 -22.82 -11.67
C GLU D 177 6.81 -22.10 -11.61
N LYS D 178 6.78 -20.80 -11.81
CA LYS D 178 7.98 -19.98 -11.79
C LYS D 178 8.38 -19.44 -10.42
N HIS D 179 7.83 -20.02 -9.36
CA HIS D 179 8.16 -19.61 -7.99
C HIS D 179 8.80 -20.74 -7.17
N GLY D 180 9.73 -20.36 -6.30
CA GLY D 180 10.42 -21.32 -5.46
C GLY D 180 9.59 -21.97 -4.38
N GLU D 181 10.17 -22.95 -3.70
CA GLU D 181 9.50 -23.68 -2.61
C GLU D 181 9.09 -22.78 -1.45
N PHE D 182 9.95 -21.83 -1.11
CA PHE D 182 9.68 -20.89 -0.02
C PHE D 182 8.42 -20.07 -0.27
N GLU D 183 8.39 -19.38 -1.41
CA GLU D 183 7.26 -18.53 -1.78
C GLU D 183 5.97 -19.34 -1.92
N LYS D 184 6.10 -20.57 -2.43
CA LYS D 184 4.95 -21.45 -2.59
C LYS D 184 4.34 -21.78 -1.22
N GLU D 185 5.21 -22.09 -0.26
CA GLU D 185 4.76 -22.44 1.09
C GLU D 185 3.99 -21.29 1.73
N ARG D 186 4.44 -20.06 1.50
CA ARG D 186 3.76 -18.87 2.04
C ARG D 186 2.33 -18.86 1.48
N ALA D 187 2.20 -19.14 0.20
CA ALA D 187 0.90 -19.17 -0.47
C ALA D 187 0.07 -20.35 0.01
N ARG D 188 0.72 -21.50 0.22
CA ARG D 188 0.05 -22.68 0.72
C ARG D 188 -0.59 -22.33 2.06
N GLU D 189 0.15 -21.58 2.88
CA GLU D 189 -0.31 -21.15 4.20
C GLU D 189 -1.51 -20.22 4.09
N VAL D 190 -1.48 -19.31 3.12
CA VAL D 190 -2.58 -18.37 2.90
C VAL D 190 -3.84 -19.15 2.52
N PHE D 191 -3.67 -20.17 1.67
CA PHE D 191 -4.78 -20.99 1.21
C PHE D 191 -5.42 -21.74 2.38
N LYS D 192 -4.58 -22.22 3.28
CA LYS D 192 -5.03 -22.94 4.46
C LYS D 192 -5.88 -21.98 5.30
N GLU D 193 -5.34 -20.79 5.54
CA GLU D 193 -6.03 -19.78 6.33
C GLU D 193 -7.35 -19.35 5.72
N VAL D 194 -7.38 -19.08 4.42
CA VAL D 194 -8.60 -18.67 3.74
C VAL D 194 -9.64 -19.81 3.73
N SER D 195 -9.14 -21.06 3.74
CA SER D 195 -10.03 -22.21 3.78
C SER D 195 -10.79 -22.17 5.11
N LYS D 196 -10.06 -21.90 6.19
CA LYS D 196 -10.65 -21.82 7.54
C LYS D 196 -11.67 -20.70 7.61
N PHE D 197 -11.35 -19.56 7.02
CA PHE D 197 -12.26 -18.41 7.04
C PHE D 197 -13.57 -18.72 6.30
N GLU D 198 -13.47 -19.49 5.20
CA GLU D 198 -14.63 -19.88 4.42
C GLU D 198 -15.55 -20.76 5.28
N LEU D 199 -14.93 -21.71 5.97
CA LEU D 199 -15.66 -22.61 6.85
C LEU D 199 -16.37 -21.82 7.98
N ILE D 200 -15.63 -20.93 8.63
CA ILE D 200 -16.18 -20.13 9.73
C ILE D 200 -17.29 -19.19 9.30
N PHE D 201 -17.18 -18.63 8.10
CA PHE D 201 -18.16 -17.68 7.59
C PHE D 201 -19.59 -18.21 7.57
N TRP D 202 -19.76 -19.48 7.22
CA TRP D 202 -21.08 -20.10 7.16
C TRP D 202 -21.81 -20.10 8.51
N ASP D 203 -21.05 -20.11 9.60
CA ASP D 203 -21.62 -20.10 10.95
C ASP D 203 -22.22 -18.76 11.33
N ILE D 204 -21.87 -17.71 10.60
CA ILE D 204 -22.39 -16.37 10.88
C ILE D 204 -23.91 -16.33 10.89
N ALA D 205 -24.51 -17.07 9.98
CA ALA D 205 -25.97 -17.13 9.85
C ALA D 205 -26.69 -17.51 11.15
N TYR D 206 -26.05 -18.34 11.97
CA TYR D 206 -26.65 -18.80 13.23
C TYR D 206 -26.14 -18.05 14.47
C1 MP5 E . -1.14 -2.10 23.18
C2 MP5 E . -0.78 -3.46 23.42
C3 MP5 E . -0.18 -1.02 23.33
N1 MP5 E . 0.50 -3.80 23.77
N2 MP5 E . -1.72 -4.49 23.27
C4 MP5 E . -3.00 -4.19 22.90
C5 MP5 E . -4.00 -5.34 22.77
N3 MP5 E . -3.44 -2.86 22.66
C6 MP5 E . -2.49 -1.86 22.81
O1 MP5 E . 0.50 -0.75 22.17
P1 MP5 E . 2.11 -0.76 22.20
O2 MP5 E . 2.21 -1.26 20.69
O3 MP5 E . 2.77 -1.99 22.99
O4 MP5 E . 2.67 0.50 22.50
P PO4 F . 20.85 6.67 2.69
O1 PO4 F . 20.69 6.13 1.20
O2 PO4 F . 19.28 7.02 2.95
O3 PO4 F . 21.49 8.14 2.65
O4 PO4 F . 21.55 5.71 3.56
P PO4 G . -6.49 7.38 -19.68
O1 PO4 G . -5.74 8.52 -18.88
O2 PO4 G . -5.93 6.15 -18.76
O3 PO4 G . -5.73 7.09 -21.06
O4 PO4 G . -7.95 7.62 -19.80
P PO4 H . -16.93 -13.44 -4.72
O1 PO4 H . -15.92 -14.36 -3.91
O2 PO4 H . -16.34 -12.05 -4.15
O3 PO4 H . -18.34 -13.48 -3.98
O4 PO4 H . -16.97 -13.70 -6.21
#